data_2V3E
#
_entry.id   2V3E
#
_cell.length_a   67.998
_cell.length_b   97.646
_cell.length_c   82.348
_cell.angle_alpha   90.00
_cell.angle_beta   102.75
_cell.angle_gamma   90.00
#
_symmetry.space_group_name_H-M   'P 1 21 1'
#
loop_
_entity.id
_entity.type
_entity.pdbx_description
1 polymer GLUCOSYLCERAMIDASE
2 branched beta-D-mannopyranose-(1-4)-2-acetamido-2-deoxy-beta-D-glucopyranose-(1-4)-[alpha-L-fucopyranose-(1-3)]2-acetamido-2-deoxy-beta-D-glucopyranose
3 non-polymer (2R,3R,4R,5S)-2-(HYDROXYMETHYL)-1-NONYLPIPERIDINE-3,4,5-TRIOL
4 non-polymer 'PHOSPHATE ION'
5 non-polymer 2-acetamido-2-deoxy-beta-D-glucopyranose
6 water water
#
_entity_poly.entity_id   1
_entity_poly.type   'polypeptide(L)'
_entity_poly.pdbx_seq_one_letter_code
;EFARPCIPKSFGYSSVVCVCNATYCDSFDPPTFPALGTFSRYESTRSGRRMELSMGPIQANHTGTGLLLTLQPEQKFQKV
KGFGGAMTDAAALNILALSPPAQNLLLKSYFSEEGIGYNIIRVPMASCDFSIRTYTYADTPDDFQLHNFSLPEEDTKLKI
PLIHRALQLAQRPVSLLASPWTSPTWLKTNGAVNGKGSLKGQPGDIYHQTWARYFVKFLDAYAEHKLQFWAVTAENEPSA
GLLSGYPFQCLGFTPEHQRDFIARDLGPTLANSTHHNVRLLMLDDQRLLLPHWAKVVLTDPEAAKYVHGIAVHWYLDFLA
PAKATLGETHRLFPNTMLFASEACVGSKFWEQSVRLGSWDRGMQYSHSIITNLLYHVVGWTDWNLALNPEGGPNWVRNFV
DSPIIVDITKDTFYKQPMFYHLGHFSKFIPEGSQRVGLVASQKNDLDAVALMHPDGSAVVVVLNRSSKDVPLTIKDPAVG
FLETISPGYSIHTYLWHRQLLVDTM
;
_entity_poly.pdbx_strand_id   A,B
#
# COMPACT_ATOMS: atom_id res chain seq x y z
N GLU A 1 -27.29 -32.86 14.28
CA GLU A 1 -26.40 -33.36 15.36
C GLU A 1 -25.75 -34.69 14.98
N PHE A 2 -25.49 -34.86 13.68
CA PHE A 2 -24.73 -36.02 13.20
C PHE A 2 -23.42 -35.62 12.54
N ALA A 3 -22.30 -36.26 12.89
CA ALA A 3 -21.07 -36.10 12.10
C ALA A 3 -21.35 -36.57 10.68
N ARG A 4 -20.92 -35.75 9.72
CA ARG A 4 -20.93 -36.11 8.31
C ARG A 4 -19.61 -35.62 7.76
N PRO A 5 -18.86 -36.51 7.08
CA PRO A 5 -17.56 -36.03 6.66
C PRO A 5 -17.59 -35.09 5.42
N CYS A 6 -16.48 -34.39 5.22
CA CYS A 6 -16.17 -33.69 3.99
C CYS A 6 -16.32 -34.64 2.79
N ILE A 7 -17.07 -34.19 1.78
CA ILE A 7 -17.02 -34.79 0.44
C ILE A 7 -15.92 -34.03 -0.32
N PRO A 8 -14.70 -34.62 -0.40
CA PRO A 8 -13.62 -33.83 -0.98
C PRO A 8 -13.74 -33.70 -2.48
N LYS A 9 -13.30 -32.56 -2.98
CA LYS A 9 -13.13 -32.37 -4.40
C LYS A 9 -11.89 -31.51 -4.70
N SER A 10 -11.05 -32.05 -5.58
CA SER A 10 -9.92 -31.30 -6.10
C SER A 10 -10.28 -30.53 -7.39
N PHE A 11 -9.63 -29.38 -7.55
CA PHE A 11 -9.72 -28.60 -8.77
C PHE A 11 -8.30 -28.34 -9.26
N GLY A 12 -7.37 -29.18 -8.79
CA GLY A 12 -5.99 -29.10 -9.24
C GLY A 12 -5.12 -28.21 -8.38
N TYR A 13 -5.68 -27.65 -7.29
CA TYR A 13 -4.82 -26.87 -6.37
C TYR A 13 -4.25 -27.71 -5.21
N SER A 14 -3.70 -27.08 -4.17
CA SER A 14 -2.93 -27.83 -3.17
C SER A 14 -3.73 -28.77 -2.31
N SER A 15 -5.02 -28.50 -2.17
CA SER A 15 -5.86 -29.28 -1.29
C SER A 15 -7.27 -29.36 -1.89
N VAL A 16 -8.21 -29.89 -1.11
CA VAL A 16 -9.59 -30.12 -1.59
C VAL A 16 -10.57 -29.10 -0.99
N VAL A 17 -11.68 -28.92 -1.68
CA VAL A 17 -12.82 -28.29 -1.06
C VAL A 17 -13.75 -29.37 -0.55
N CYS A 18 -14.72 -28.94 0.27
CA CYS A 18 -15.76 -29.86 0.71
C CYS A 18 -17.07 -29.49 0.00
N VAL A 19 -17.61 -30.47 -0.69
CA VAL A 19 -18.82 -30.26 -1.52
C VAL A 19 -20.08 -30.42 -0.71
N CYS A 20 -20.99 -29.45 -0.82
CA CYS A 20 -22.25 -29.47 -0.11
C CYS A 20 -23.37 -29.20 -1.11
N ASN A 21 -24.58 -29.65 -0.84
CA ASN A 21 -25.71 -29.41 -1.71
C ASN A 21 -27.00 -29.27 -0.90
N ALA A 22 -28.16 -29.45 -1.55
CA ALA A 22 -29.48 -29.39 -0.87
C ALA A 22 -29.69 -30.46 0.21
N THR A 23 -28.98 -31.59 0.15
CA THR A 23 -29.26 -32.70 1.06
C THR A 23 -28.05 -33.15 1.85
N TYR A 24 -26.89 -32.58 1.58
CA TYR A 24 -25.69 -32.99 2.28
C TYR A 24 -24.72 -31.83 2.52
N CYS A 25 -24.20 -31.76 3.72
CA CYS A 25 -23.09 -30.90 4.02
C CYS A 25 -22.35 -31.52 5.20
N ASP A 26 -21.02 -31.43 5.17
CA ASP A 26 -20.21 -31.87 6.31
C ASP A 26 -20.60 -31.10 7.58
N SER A 27 -20.58 -31.81 8.71
CA SER A 27 -21.07 -31.29 9.99
C SER A 27 -20.39 -32.03 11.15
N PHE A 28 -20.66 -31.60 12.38
CA PHE A 28 -20.06 -32.18 13.56
C PHE A 28 -21.00 -33.11 14.36
N ASP A 29 -20.42 -34.06 15.11
CA ASP A 29 -21.18 -34.82 16.11
C ASP A 29 -21.61 -33.89 17.24
N PRO A 30 -22.57 -34.34 18.07
CA PRO A 30 -22.99 -33.45 19.13
C PRO A 30 -21.92 -33.38 20.24
N PRO A 31 -21.84 -32.25 20.96
CA PRO A 31 -21.03 -32.17 22.17
C PRO A 31 -21.30 -33.36 23.12
N THR A 32 -20.27 -33.98 23.72
CA THR A 32 -18.84 -33.83 23.39
C THR A 32 -18.08 -35.11 23.81
N PRO A 34 -16.50 -33.32 27.64
CA PRO A 34 -15.54 -34.43 27.73
C PRO A 34 -15.17 -34.80 29.18
N ALA A 35 -14.17 -35.66 29.34
CA ALA A 35 -13.68 -36.11 30.66
C ALA A 35 -12.39 -35.40 31.09
N LEU A 36 -12.24 -35.12 32.38
CA LEU A 36 -11.03 -34.50 32.93
C LEU A 36 -9.81 -35.39 32.82
N GLY A 37 -8.64 -34.77 32.62
CA GLY A 37 -7.37 -35.48 32.41
C GLY A 37 -7.10 -35.90 30.97
N THR A 38 -8.01 -35.54 30.07
CA THR A 38 -7.88 -35.78 28.63
C THR A 38 -8.04 -34.48 27.84
N PHE A 39 -7.43 -34.41 26.66
CA PHE A 39 -7.61 -33.26 25.77
C PHE A 39 -8.38 -33.64 24.50
N SER A 40 -9.10 -32.67 23.92
CA SER A 40 -9.61 -32.79 22.55
C SER A 40 -8.69 -32.07 21.58
N ARG A 41 -8.50 -32.70 20.44
CA ARG A 41 -7.76 -32.13 19.32
C ARG A 41 -8.69 -32.12 18.09
N TYR A 42 -8.84 -30.96 17.45
CA TYR A 42 -9.40 -30.87 16.08
C TYR A 42 -8.30 -30.62 15.07
N GLU A 43 -8.26 -31.41 14.00
CA GLU A 43 -7.17 -31.33 13.05
C GLU A 43 -7.67 -31.17 11.63
N SER A 44 -7.01 -30.28 10.90
CA SER A 44 -7.25 -30.11 9.48
C SER A 44 -5.89 -30.16 8.80
N THR A 45 -5.81 -30.85 7.67
CA THR A 45 -4.54 -31.01 6.93
C THR A 45 -4.72 -30.70 5.43
N ARG A 46 -3.64 -30.24 4.81
CA ARG A 46 -3.58 -30.12 3.35
C ARG A 46 -3.95 -31.48 2.70
N SER A 47 -3.55 -32.58 3.35
CA SER A 47 -3.83 -33.95 2.82
C SER A 47 -5.34 -34.27 2.82
N GLY A 48 -6.13 -33.47 3.53
CA GLY A 48 -7.56 -33.57 3.38
C GLY A 48 -8.39 -33.72 4.65
N ARG A 49 -7.75 -33.81 5.80
CA ARG A 49 -8.49 -33.87 7.07
C ARG A 49 -9.17 -32.54 7.30
N ARG A 50 -10.43 -32.60 7.74
CA ARG A 50 -11.24 -31.42 7.92
C ARG A 50 -11.80 -31.37 9.34
N MET A 51 -11.12 -30.64 10.21
CA MET A 51 -11.52 -30.44 11.61
C MET A 51 -11.93 -31.79 12.27
N GLU A 52 -11.10 -32.80 12.05
CA GLU A 52 -11.33 -34.11 12.62
C GLU A 52 -10.98 -34.16 14.10
N LEU A 53 -11.88 -34.75 14.88
CA LEU A 53 -11.76 -34.85 16.34
C LEU A 53 -10.98 -36.08 16.79
N SER A 54 -10.07 -35.86 17.73
CA SER A 54 -9.39 -36.95 18.40
C SER A 54 -9.17 -36.50 19.84
N MET A 55 -8.67 -37.41 20.66
CA MET A 55 -8.47 -37.16 22.08
C MET A 55 -7.16 -37.77 22.51
N GLY A 56 -6.66 -37.27 23.62
CA GLY A 56 -5.42 -37.79 24.18
C GLY A 56 -5.37 -37.59 25.66
N PRO A 57 -4.41 -38.27 26.33
CA PRO A 57 -4.19 -38.07 27.75
C PRO A 57 -3.30 -36.88 28.04
N ILE A 58 -3.53 -36.30 29.21
CA ILE A 58 -2.70 -35.26 29.79
C ILE A 58 -1.80 -35.97 30.85
N GLN A 59 -0.48 -35.98 30.65
CA GLN A 59 0.43 -36.63 31.60
C GLN A 59 0.94 -35.70 32.71
N ALA A 60 1.26 -36.29 33.86
CA ALA A 60 1.72 -35.56 35.02
C ALA A 60 3.14 -35.05 34.83
N ASN A 61 3.94 -35.82 34.07
CA ASN A 61 5.36 -35.46 33.82
C ASN A 61 5.71 -35.47 32.33
N HIS A 62 6.83 -34.84 32.00
CA HIS A 62 7.38 -34.79 30.66
C HIS A 62 8.90 -34.78 30.80
N THR A 63 9.57 -35.53 29.93
CA THR A 63 11.01 -35.40 29.77
C THR A 63 11.33 -35.50 28.29
N GLY A 64 12.37 -34.77 27.87
CA GLY A 64 12.80 -34.71 26.49
C GLY A 64 13.33 -33.34 26.17
N THR A 65 14.04 -33.20 25.06
CA THR A 65 14.55 -31.91 24.64
C THR A 65 13.78 -31.35 23.45
N GLY A 66 12.59 -31.88 23.20
CA GLY A 66 11.74 -31.40 22.10
C GLY A 66 11.09 -30.06 22.42
N LEU A 67 10.39 -29.52 21.44
CA LEU A 67 9.70 -28.26 21.61
C LEU A 67 8.67 -28.40 22.75
N LEU A 68 8.71 -27.46 23.68
CA LEU A 68 7.68 -27.35 24.71
C LEU A 68 7.00 -25.96 24.61
N LEU A 69 5.66 -25.97 24.54
CA LEU A 69 4.86 -24.75 24.62
C LEU A 69 4.26 -24.64 26.00
N THR A 70 4.63 -23.61 26.75
CA THR A 70 4.12 -23.50 28.12
C THR A 70 3.06 -22.43 28.27
N LEU A 71 1.86 -22.85 28.68
CA LEU A 71 0.79 -21.93 29.02
C LEU A 71 1.20 -21.07 30.23
N GLN A 72 0.85 -19.79 30.17
CA GLN A 72 1.04 -18.89 31.30
C GLN A 72 -0.31 -18.29 31.64
N PRO A 73 -1.16 -19.05 32.37
CA PRO A 73 -2.53 -18.59 32.55
C PRO A 73 -2.71 -17.29 33.34
N GLU A 74 -1.72 -16.91 34.15
CA GLU A 74 -1.71 -15.66 34.93
CA GLU A 74 -1.82 -15.66 34.91
C GLU A 74 -1.40 -14.43 34.09
N GLN A 75 -0.84 -14.67 32.91
CA GLN A 75 -0.48 -13.61 31.97
C GLN A 75 -1.69 -13.36 31.08
N LYS A 76 -2.45 -12.33 31.41
CA LYS A 76 -3.76 -12.07 30.79
C LYS A 76 -3.68 -10.92 29.83
N PHE A 77 -4.24 -11.10 28.63
CA PHE A 77 -4.27 -10.03 27.63
C PHE A 77 -5.74 -9.68 27.28
N GLN A 78 -6.05 -9.58 25.98
CA GLN A 78 -7.38 -9.10 25.53
C GLN A 78 -8.50 -10.14 25.66
N LYS A 79 -9.70 -9.63 25.87
CA LYS A 79 -10.89 -10.44 25.69
C LYS A 79 -11.40 -10.45 24.24
N VAL A 80 -11.88 -11.59 23.80
CA VAL A 80 -12.23 -11.78 22.40
C VAL A 80 -13.66 -11.28 22.19
N LYS A 81 -13.88 -10.48 21.14
CA LYS A 81 -15.23 -10.06 20.72
C LYS A 81 -15.81 -11.18 19.84
N GLY A 82 -14.99 -11.65 18.89
CA GLY A 82 -15.35 -12.81 18.06
C GLY A 82 -14.90 -12.79 16.61
N PHE A 83 -15.66 -13.53 15.79
CA PHE A 83 -15.30 -13.87 14.40
C PHE A 83 -16.52 -13.88 13.50
N GLY A 84 -16.32 -13.54 12.24
CA GLY A 84 -17.38 -13.60 11.28
C GLY A 84 -16.98 -13.15 9.88
N GLY A 85 -17.97 -12.68 9.13
CA GLY A 85 -17.77 -12.24 7.75
C GLY A 85 -18.86 -11.28 7.28
N ALA A 86 -18.84 -10.95 5.99
CA ALA A 86 -19.66 -9.84 5.53
C ALA A 86 -20.85 -10.24 4.71
N MET A 87 -22.01 -9.71 5.06
CA MET A 87 -23.20 -9.86 4.28
C MET A 87 -23.33 -8.71 3.24
N THR A 88 -22.52 -8.83 2.20
CA THR A 88 -22.52 -7.91 1.04
C THR A 88 -23.70 -8.27 0.12
N ASP A 89 -24.01 -7.39 -0.83
CA ASP A 89 -24.99 -7.74 -1.87
C ASP A 89 -24.58 -9.02 -2.60
N ALA A 90 -23.29 -9.15 -2.91
CA ALA A 90 -22.77 -10.32 -3.65
C ALA A 90 -22.93 -11.58 -2.86
N ALA A 91 -22.60 -11.54 -1.57
CA ALA A 91 -22.81 -12.72 -0.71
C ALA A 91 -24.30 -13.16 -0.62
N ALA A 92 -25.21 -12.21 -0.35
CA ALA A 92 -26.64 -12.44 -0.35
C ALA A 92 -27.18 -13.08 -1.66
N LEU A 93 -26.76 -12.53 -2.78
CA LEU A 93 -27.17 -13.03 -4.09
C LEU A 93 -26.70 -14.46 -4.31
N ASN A 94 -25.45 -14.74 -3.96
CA ASN A 94 -24.89 -16.08 -4.04
C ASN A 94 -25.60 -17.09 -3.11
N ILE A 95 -25.79 -16.71 -1.84
CA ILE A 95 -26.51 -17.57 -0.89
C ILE A 95 -27.93 -17.87 -1.43
N LEU A 96 -28.61 -16.84 -1.90
CA LEU A 96 -30.02 -16.96 -2.33
C LEU A 96 -30.22 -17.66 -3.70
N ALA A 97 -29.12 -17.85 -4.42
CA ALA A 97 -29.08 -18.57 -5.69
C ALA A 97 -29.20 -20.08 -5.47
N LEU A 98 -28.93 -20.53 -4.25
CA LEU A 98 -29.08 -21.94 -3.86
C LEU A 98 -30.54 -22.24 -3.61
N SER A 99 -30.93 -23.49 -3.78
CA SER A 99 -32.27 -23.94 -3.33
C SER A 99 -32.33 -23.74 -1.82
N PRO A 100 -33.54 -23.46 -1.29
CA PRO A 100 -33.61 -23.14 0.16
C PRO A 100 -33.02 -24.18 1.14
N PRO A 101 -33.16 -25.52 0.87
CA PRO A 101 -32.42 -26.45 1.75
C PRO A 101 -30.88 -26.30 1.75
N ALA A 102 -30.29 -26.01 0.59
CA ALA A 102 -28.84 -25.78 0.48
C ALA A 102 -28.43 -24.44 1.16
N GLN A 103 -29.28 -23.41 1.01
CA GLN A 103 -29.15 -22.15 1.73
C GLN A 103 -29.04 -22.36 3.24
N ASN A 104 -29.90 -23.22 3.79
CA ASN A 104 -29.90 -23.52 5.21
C ASN A 104 -28.61 -24.21 5.63
N LEU A 105 -28.13 -25.14 4.83
CA LEU A 105 -26.85 -25.81 5.13
C LEU A 105 -25.66 -24.84 5.07
N LEU A 106 -25.71 -23.87 4.16
CA LEU A 106 -24.66 -22.85 4.10
C LEU A 106 -24.74 -21.97 5.34
N LEU A 107 -25.94 -21.50 5.66
CA LEU A 107 -26.11 -20.63 6.85
C LEU A 107 -25.71 -21.37 8.13
N LYS A 108 -26.07 -22.64 8.24
CA LYS A 108 -25.66 -23.48 9.38
C LYS A 108 -24.14 -23.67 9.51
N SER A 109 -23.48 -23.96 8.38
CA SER A 109 -22.01 -24.08 8.34
C SER A 109 -21.33 -22.93 9.10
N TYR A 110 -21.76 -21.70 8.83
CA TYR A 110 -21.22 -20.51 9.43
C TYR A 110 -21.74 -20.21 10.87
N PHE A 111 -23.05 -20.22 11.02
CA PHE A 111 -23.73 -19.55 12.14
C PHE A 111 -24.27 -20.46 13.24
N SER A 112 -24.32 -21.75 12.95
CA SER A 112 -24.87 -22.72 13.90
C SER A 112 -23.71 -23.23 14.74
N GLU A 113 -24.04 -23.71 15.95
CA GLU A 113 -23.08 -24.47 16.77
C GLU A 113 -22.76 -25.75 16.09
N GLU A 114 -23.61 -26.17 15.15
CA GLU A 114 -23.35 -27.37 14.38
C GLU A 114 -22.37 -27.10 13.22
N GLY A 115 -22.08 -25.80 13.04
CA GLY A 115 -21.08 -25.33 12.08
C GLY A 115 -19.94 -24.76 12.88
N ILE A 116 -19.51 -23.57 12.49
CA ILE A 116 -18.32 -22.93 13.06
C ILE A 116 -18.57 -21.69 13.93
N GLY A 117 -19.82 -21.51 14.32
CA GLY A 117 -20.16 -20.58 15.38
C GLY A 117 -19.76 -19.14 15.20
N TYR A 118 -19.80 -18.63 13.96
CA TYR A 118 -19.74 -17.17 13.70
C TYR A 118 -20.64 -16.35 14.62
N ASN A 119 -20.12 -15.26 15.16
CA ASN A 119 -20.96 -14.37 15.96
C ASN A 119 -20.87 -12.89 15.52
N ILE A 120 -20.26 -12.64 14.35
CA ILE A 120 -20.14 -11.29 13.79
C ILE A 120 -20.55 -11.29 12.33
N ILE A 121 -21.32 -10.28 11.98
CA ILE A 121 -21.68 -10.02 10.59
C ILE A 121 -21.44 -8.56 10.23
N ARG A 122 -20.55 -8.33 9.26
CA ARG A 122 -20.38 -6.97 8.75
C ARG A 122 -21.42 -6.68 7.66
N VAL A 123 -22.08 -5.53 7.77
CA VAL A 123 -23.15 -5.09 6.85
C VAL A 123 -22.74 -3.77 6.18
N PRO A 124 -22.47 -3.77 4.85
CA PRO A 124 -22.25 -2.50 4.18
C PRO A 124 -23.47 -1.60 4.29
N MET A 125 -23.24 -0.32 4.56
CA MET A 125 -24.29 0.67 4.48
C MET A 125 -24.43 1.10 3.01
N ALA A 126 -25.42 0.51 2.34
CA ALA A 126 -25.67 0.66 0.90
C ALA A 126 -24.56 -0.04 0.06
N SER A 127 -24.26 0.50 -1.14
CA SER A 127 -23.51 -0.27 -2.12
C SER A 127 -21.99 -0.18 -1.93
N CYS A 128 -21.32 -1.23 -2.40
CA CYS A 128 -19.86 -1.25 -2.45
C CYS A 128 -19.45 -1.92 -3.78
N ASP A 129 -18.18 -2.28 -3.94
CA ASP A 129 -17.78 -3.02 -5.15
C ASP A 129 -18.53 -4.36 -5.30
N PHE A 130 -18.77 -5.03 -4.16
CA PHE A 130 -19.52 -6.27 -4.10
C PHE A 130 -21.04 -6.03 -4.08
N SER A 131 -21.44 -5.24 -5.07
CA SER A 131 -22.83 -4.90 -5.45
C SER A 131 -22.91 -4.99 -6.99
N ILE A 132 -24.09 -5.32 -7.49
CA ILE A 132 -24.34 -5.22 -8.93
C ILE A 132 -25.00 -3.89 -9.34
N ARG A 133 -25.51 -3.13 -8.38
CA ARG A 133 -25.89 -1.76 -8.67
C ARG A 133 -25.33 -0.71 -7.72
N THR A 134 -25.33 0.52 -8.20
CA THR A 134 -24.76 1.63 -7.49
C THR A 134 -25.92 2.45 -6.93
N TYR A 135 -25.96 2.55 -5.61
CA TYR A 135 -27.02 3.26 -4.89
C TYR A 135 -26.49 3.67 -3.49
N THR A 136 -27.07 4.72 -2.94
CA THR A 136 -27.00 4.99 -1.52
C THR A 136 -28.43 4.91 -0.96
N TYR A 137 -28.57 5.22 0.34
CA TYR A 137 -29.89 5.29 0.95
C TYR A 137 -30.57 6.64 0.77
N ALA A 138 -29.84 7.64 0.29
CA ALA A 138 -30.42 8.96 0.12
C ALA A 138 -29.97 9.59 -1.19
N ASP A 139 -30.40 9.03 -2.31
CA ASP A 139 -29.92 9.47 -3.63
C ASP A 139 -30.59 10.71 -4.20
N THR A 140 -31.76 11.09 -3.66
CA THR A 140 -32.44 12.32 -4.06
C THR A 140 -31.59 13.52 -3.69
N PRO A 141 -31.21 14.34 -4.69
CA PRO A 141 -30.23 15.40 -4.40
C PRO A 141 -30.68 16.42 -3.37
N ASP A 142 -29.70 16.90 -2.60
CA ASP A 142 -29.87 18.02 -1.69
C ASP A 142 -30.93 17.80 -0.63
N ASP A 143 -31.18 16.53 -0.29
CA ASP A 143 -32.13 16.15 0.76
C ASP A 143 -31.43 16.19 2.11
N PHE A 144 -31.12 17.40 2.60
CA PHE A 144 -30.36 17.55 3.84
C PHE A 144 -31.13 17.03 5.07
N GLN A 145 -32.44 17.09 5.01
CA GLN A 145 -33.29 16.58 6.10
C GLN A 145 -33.45 15.07 6.03
N LEU A 146 -32.97 14.49 4.91
CA LEU A 146 -33.00 13.02 4.67
C LEU A 146 -34.44 12.45 4.72
N HIS A 147 -35.37 13.20 4.12
CA HIS A 147 -36.79 12.79 4.05
C HIS A 147 -36.98 11.57 3.13
N ASN A 148 -36.08 11.40 2.16
CA ASN A 148 -36.13 10.29 1.21
C ASN A 148 -35.06 9.21 1.43
N PHE A 149 -34.42 9.26 2.60
CA PHE A 149 -33.65 8.14 3.08
C PHE A 149 -34.58 6.92 3.12
N SER A 150 -34.17 5.86 2.43
CA SER A 150 -34.90 4.60 2.49
CA SER A 150 -34.92 4.60 2.39
C SER A 150 -33.99 3.40 2.19
N LEU A 151 -34.30 2.26 2.80
CA LEU A 151 -33.65 0.98 2.51
C LEU A 151 -34.23 0.40 1.24
N PRO A 152 -33.37 0.09 0.25
CA PRO A 152 -33.94 -0.56 -0.93
C PRO A 152 -34.09 -2.08 -0.74
N GLU A 153 -34.56 -2.79 -1.76
CA GLU A 153 -34.69 -4.26 -1.68
C GLU A 153 -33.42 -5.06 -1.33
N GLU A 154 -32.25 -4.53 -1.72
CA GLU A 154 -30.98 -5.18 -1.40
C GLU A 154 -30.86 -5.42 0.11
N ASP A 155 -31.43 -4.50 0.89
CA ASP A 155 -31.52 -4.67 2.31
C ASP A 155 -32.81 -5.44 2.71
N THR A 156 -33.96 -4.91 2.32
CA THR A 156 -35.25 -5.37 2.84
C THR A 156 -35.63 -6.78 2.38
N LYS A 157 -35.23 -7.16 1.17
CA LYS A 157 -35.54 -8.49 0.63
C LYS A 157 -34.39 -9.48 0.70
N LEU A 158 -33.16 -8.98 0.65
CA LEU A 158 -31.99 -9.85 0.58
C LEU A 158 -31.21 -9.94 1.87
N LYS A 159 -30.49 -8.86 2.23
CA LYS A 159 -29.59 -8.84 3.37
C LYS A 159 -30.29 -9.05 4.70
N ILE A 160 -31.35 -8.31 4.94
CA ILE A 160 -32.03 -8.38 6.26
C ILE A 160 -32.65 -9.76 6.53
N PRO A 161 -33.46 -10.30 5.57
CA PRO A 161 -33.98 -11.64 5.83
C PRO A 161 -32.93 -12.73 6.06
N LEU A 162 -31.79 -12.62 5.38
CA LEU A 162 -30.69 -13.58 5.55
C LEU A 162 -30.02 -13.40 6.90
N ILE A 163 -29.93 -12.15 7.34
CA ILE A 163 -29.35 -11.87 8.63
C ILE A 163 -30.24 -12.47 9.74
N HIS A 164 -31.57 -12.21 9.67
CA HIS A 164 -32.52 -12.86 10.57
C HIS A 164 -32.36 -14.38 10.58
N ARG A 165 -32.20 -14.98 9.41
CA ARG A 165 -32.00 -16.44 9.39
C ARG A 165 -30.73 -16.91 10.10
N ALA A 166 -29.63 -16.18 9.91
CA ALA A 166 -28.38 -16.45 10.62
C ALA A 166 -28.56 -16.31 12.13
N LEU A 167 -29.24 -15.25 12.56
CA LEU A 167 -29.52 -15.04 13.98
C LEU A 167 -30.35 -16.20 14.57
N GLN A 168 -31.37 -16.65 13.84
CA GLN A 168 -32.22 -17.77 14.30
C GLN A 168 -31.43 -19.08 14.43
N LEU A 169 -30.45 -19.28 13.56
CA LEU A 169 -29.64 -20.50 13.58
C LEU A 169 -28.61 -20.48 14.69
N ALA A 170 -28.22 -19.28 15.12
CA ALA A 170 -27.11 -19.12 16.04
C ALA A 170 -27.54 -19.30 17.49
N GLN A 171 -26.73 -20.01 18.26
CA GLN A 171 -26.90 -20.12 19.73
CA GLN A 171 -26.98 -20.05 19.71
C GLN A 171 -26.23 -18.94 20.42
N ARG A 172 -25.06 -18.58 19.91
CA ARG A 172 -24.28 -17.42 20.37
C ARG A 172 -24.96 -16.13 19.94
N PRO A 173 -24.99 -15.13 20.85
CA PRO A 173 -25.51 -13.84 20.41
C PRO A 173 -24.61 -13.31 19.27
N VAL A 174 -25.21 -12.80 18.21
CA VAL A 174 -24.45 -12.37 17.04
C VAL A 174 -24.40 -10.83 17.06
N SER A 175 -23.21 -10.28 16.76
CA SER A 175 -23.01 -8.82 16.73
C SER A 175 -22.96 -8.34 15.30
N LEU A 176 -23.69 -7.27 14.99
CA LEU A 176 -23.63 -6.66 13.64
C LEU A 176 -22.75 -5.47 13.64
N LEU A 177 -21.97 -5.34 12.55
CA LEU A 177 -21.05 -4.22 12.37
C LEU A 177 -21.43 -3.51 11.04
N ALA A 178 -21.71 -2.22 11.09
CA ALA A 178 -22.03 -1.50 9.86
C ALA A 178 -20.83 -0.68 9.39
N SER A 179 -20.63 -0.57 8.07
CA SER A 179 -19.55 0.30 7.49
C SER A 179 -20.06 0.87 6.18
N PRO A 180 -19.96 2.22 5.98
CA PRO A 180 -20.27 2.81 4.66
C PRO A 180 -19.06 2.90 3.69
N TRP A 181 -19.37 2.87 2.40
CA TRP A 181 -18.32 2.98 1.40
C TRP A 181 -18.41 4.40 0.88
N THR A 182 -19.59 4.79 0.44
CA THR A 182 -19.82 6.14 -0.03
C THR A 182 -21.04 6.79 0.63
N SER A 183 -20.95 8.10 0.78
CA SER A 183 -22.10 8.93 1.02
C SER A 183 -22.85 9.15 -0.29
N PRO A 184 -24.08 9.69 -0.20
CA PRO A 184 -24.73 10.31 -1.39
C PRO A 184 -23.76 11.26 -2.15
N THR A 185 -23.84 11.26 -3.47
CA THR A 185 -22.87 12.00 -4.28
C THR A 185 -22.98 13.52 -4.07
N TRP A 186 -24.16 13.99 -3.66
CA TRP A 186 -24.42 15.42 -3.45
C TRP A 186 -23.84 15.95 -2.15
N LEU A 187 -23.34 15.06 -1.32
CA LEU A 187 -22.57 15.45 -0.12
C LEU A 187 -21.06 15.48 -0.43
N LYS A 188 -20.67 15.09 -1.64
CA LYS A 188 -19.27 14.88 -1.95
C LYS A 188 -18.68 15.96 -2.84
N THR A 189 -17.42 16.33 -2.59
CA THR A 189 -16.75 17.32 -3.41
C THR A 189 -16.72 17.01 -4.92
N ASN A 190 -16.68 15.71 -5.27
CA ASN A 190 -16.47 15.28 -6.65
C ASN A 190 -17.79 14.84 -7.29
N GLY A 191 -18.85 14.77 -6.50
CA GLY A 191 -20.17 14.43 -7.05
C GLY A 191 -20.25 13.05 -7.70
N ALA A 192 -19.48 12.11 -7.19
CA ALA A 192 -19.45 10.77 -7.76
C ALA A 192 -19.21 9.76 -6.63
N VAL A 193 -19.65 8.52 -6.82
CA VAL A 193 -19.55 7.51 -5.77
C VAL A 193 -18.11 7.05 -5.59
N ASN A 194 -17.34 7.15 -6.66
CA ASN A 194 -15.96 6.74 -6.67
C ASN A 194 -15.01 7.90 -7.00
N GLY A 195 -13.73 7.61 -7.22
CA GLY A 195 -12.72 8.64 -7.50
C GLY A 195 -12.30 9.38 -6.24
N LYS A 196 -11.39 10.33 -6.40
CA LYS A 196 -10.88 11.12 -5.29
C LYS A 196 -11.94 12.18 -4.87
N GLY A 197 -12.31 12.18 -3.60
CA GLY A 197 -13.37 13.08 -3.11
C GLY A 197 -13.81 12.78 -1.70
N SER A 198 -14.15 13.85 -0.97
CA SER A 198 -14.51 13.75 0.41
C SER A 198 -15.85 14.42 0.59
N LEU A 199 -16.32 14.48 1.82
CA LEU A 199 -17.48 15.30 2.10
C LEU A 199 -17.14 16.77 1.76
N LYS A 200 -18.13 17.50 1.24
CA LYS A 200 -17.97 18.95 1.06
C LYS A 200 -17.84 19.64 2.39
N GLY A 201 -17.27 20.85 2.36
CA GLY A 201 -17.18 21.69 3.56
C GLY A 201 -16.18 21.15 4.57
N GLN A 202 -16.51 21.32 5.85
CA GLN A 202 -15.63 20.92 6.95
C GLN A 202 -16.50 20.34 8.07
N PRO A 203 -15.92 19.43 8.89
CA PRO A 203 -16.66 18.94 10.04
C PRO A 203 -17.35 20.06 10.84
N GLY A 204 -18.53 19.74 11.39
CA GLY A 204 -19.35 20.74 12.07
C GLY A 204 -20.40 21.40 11.14
N ASP A 205 -20.31 21.21 9.83
CA ASP A 205 -21.22 21.94 8.90
C ASP A 205 -22.40 21.11 8.39
N ILE A 206 -23.24 21.72 7.56
CA ILE A 206 -24.46 21.06 7.14
C ILE A 206 -24.22 19.71 6.44
N TYR A 207 -23.15 19.60 5.63
CA TYR A 207 -22.85 18.34 4.95
C TYR A 207 -22.45 17.27 5.94
N HIS A 208 -21.58 17.63 6.89
CA HIS A 208 -21.12 16.72 7.91
C HIS A 208 -22.22 16.36 8.91
N GLN A 209 -23.07 17.31 9.32
CA GLN A 209 -24.19 16.95 10.18
CA GLN A 209 -24.19 16.95 10.18
C GLN A 209 -25.15 16.00 9.47
N THR A 210 -25.45 16.26 8.19
CA THR A 210 -26.27 15.38 7.34
C THR A 210 -25.70 13.97 7.19
N TRP A 211 -24.39 13.85 6.96
CA TRP A 211 -23.75 12.53 6.86
C TRP A 211 -23.83 11.79 8.19
N ALA A 212 -23.56 12.47 9.31
CA ALA A 212 -23.68 11.84 10.63
C ALA A 212 -25.12 11.37 10.82
N ARG A 213 -26.10 12.20 10.46
CA ARG A 213 -27.51 11.80 10.64
C ARG A 213 -27.93 10.60 9.81
N TYR A 214 -27.29 10.44 8.64
CA TYR A 214 -27.49 9.27 7.80
C TYR A 214 -27.22 7.95 8.54
N PHE A 215 -26.20 7.96 9.38
CA PHE A 215 -25.86 6.79 10.20
C PHE A 215 -26.99 6.46 11.15
N VAL A 216 -27.57 7.49 11.75
CA VAL A 216 -28.68 7.34 12.67
C VAL A 216 -29.93 6.82 11.93
N LYS A 217 -30.19 7.37 10.74
CA LYS A 217 -31.31 6.94 9.88
C LYS A 217 -31.14 5.49 9.45
N PHE A 218 -29.91 5.10 9.11
CA PHE A 218 -29.60 3.71 8.80
C PHE A 218 -29.92 2.77 9.98
N LEU A 219 -29.48 3.15 11.17
CA LEU A 219 -29.74 2.36 12.34
C LEU A 219 -31.22 2.38 12.67
N ASP A 220 -31.86 3.53 12.48
CA ASP A 220 -33.32 3.60 12.60
C ASP A 220 -33.99 2.57 11.68
N ALA A 221 -33.60 2.58 10.40
CA ALA A 221 -34.23 1.72 9.42
C ALA A 221 -33.99 0.22 9.72
N TYR A 222 -32.76 -0.18 10.08
CA TYR A 222 -32.54 -1.59 10.48
C TYR A 222 -33.30 -1.94 11.78
N ALA A 223 -33.45 -0.98 12.71
CA ALA A 223 -34.21 -1.22 13.95
C ALA A 223 -35.69 -1.47 13.68
N GLU A 224 -36.24 -0.84 12.65
CA GLU A 224 -37.60 -1.12 12.18
C GLU A 224 -37.73 -2.58 11.75
N HIS A 225 -36.63 -3.14 11.21
CA HIS A 225 -36.63 -4.53 10.79
C HIS A 225 -36.10 -5.39 11.91
N LYS A 226 -36.12 -4.86 13.15
CA LYS A 226 -35.75 -5.62 14.34
C LYS A 226 -34.29 -6.12 14.37
N LEU A 227 -33.40 -5.34 13.76
CA LEU A 227 -31.97 -5.61 13.89
C LEU A 227 -31.28 -4.44 14.55
N GLN A 228 -30.37 -4.79 15.46
CA GLN A 228 -29.63 -3.82 16.25
C GLN A 228 -28.14 -4.03 16.00
N PHE A 229 -27.37 -2.93 16.01
CA PHE A 229 -25.91 -3.00 15.76
C PHE A 229 -25.06 -3.00 17.03
N TRP A 230 -24.02 -3.82 17.01
CA TRP A 230 -23.00 -3.74 18.04
C TRP A 230 -22.11 -2.50 17.84
N ALA A 231 -21.77 -2.23 16.58
CA ALA A 231 -20.76 -1.21 16.22
C ALA A 231 -20.98 -0.66 14.83
N VAL A 232 -20.49 0.57 14.61
CA VAL A 232 -20.31 1.03 13.23
C VAL A 232 -18.87 1.45 13.08
N THR A 233 -18.36 1.39 11.85
CA THR A 233 -17.12 2.08 11.55
C THR A 233 -17.38 3.45 10.92
N ALA A 234 -16.40 4.32 11.05
CA ALA A 234 -16.51 5.74 10.73
C ALA A 234 -16.48 5.96 9.23
N GLU A 235 -16.02 4.92 8.51
CA GLU A 235 -15.92 4.86 7.06
C GLU A 235 -15.08 3.65 6.70
N ASN A 236 -15.52 2.89 5.71
CA ASN A 236 -14.61 1.90 5.08
C ASN A 236 -13.42 2.54 4.36
N GLU A 237 -12.22 2.15 4.76
CA GLU A 237 -11.01 2.59 4.04
C GLU A 237 -11.08 4.03 3.61
N PRO A 238 -11.07 4.96 4.59
CA PRO A 238 -11.14 6.40 4.31
C PRO A 238 -9.96 6.85 3.44
N SER A 239 -8.80 6.16 3.51
CA SER A 239 -7.69 6.54 2.63
C SER A 239 -7.99 6.35 1.14
N ALA A 240 -8.86 5.37 0.80
CA ALA A 240 -9.18 5.12 -0.61
C ALA A 240 -9.72 6.36 -1.36
N GLY A 241 -10.56 7.16 -0.69
CA GLY A 241 -11.09 8.38 -1.31
C GLY A 241 -10.07 9.51 -1.41
N LEU A 242 -8.87 9.27 -0.89
CA LEU A 242 -7.74 10.17 -1.14
C LEU A 242 -7.00 9.89 -2.45
N LEU A 243 -7.39 8.83 -3.16
CA LEU A 243 -6.60 8.33 -4.27
C LEU A 243 -7.30 8.70 -5.57
N SER A 244 -6.54 9.37 -6.47
CA SER A 244 -7.01 9.74 -7.80
C SER A 244 -7.47 8.52 -8.57
N GLY A 245 -8.68 8.60 -9.12
CA GLY A 245 -9.28 7.49 -9.86
C GLY A 245 -9.69 6.25 -9.06
N TYR A 246 -9.78 6.34 -7.73
CA TYR A 246 -10.25 5.17 -6.97
C TYR A 246 -11.50 4.59 -7.64
N PRO A 247 -11.43 3.32 -8.06
CA PRO A 247 -12.38 2.78 -9.03
C PRO A 247 -13.81 2.51 -8.56
N PHE A 248 -14.03 2.41 -7.25
CA PHE A 248 -15.40 2.16 -6.77
C PHE A 248 -15.73 3.01 -5.53
N GLN A 249 -16.91 2.75 -4.95
CA GLN A 249 -17.47 3.58 -3.83
C GLN A 249 -16.45 3.86 -2.75
N CYS A 250 -16.27 5.13 -2.41
CA CYS A 250 -15.33 5.52 -1.37
C CYS A 250 -15.66 6.92 -0.88
N LEU A 251 -15.02 7.32 0.21
CA LEU A 251 -15.24 8.65 0.75
C LEU A 251 -13.98 9.00 1.48
N GLY A 252 -13.23 9.96 0.95
CA GLY A 252 -11.89 10.24 1.53
C GLY A 252 -11.88 11.01 2.83
N PHE A 253 -11.07 10.54 3.78
CA PHE A 253 -10.82 11.28 5.04
C PHE A 253 -9.32 11.16 5.34
N THR A 254 -8.64 12.28 5.59
CA THR A 254 -7.34 12.27 6.26
C THR A 254 -7.59 11.90 7.71
N PRO A 255 -6.54 11.56 8.49
CA PRO A 255 -6.88 11.29 9.89
C PRO A 255 -7.40 12.50 10.66
N GLU A 256 -7.01 13.69 10.22
CA GLU A 256 -7.45 14.95 10.84
C GLU A 256 -8.91 15.19 10.55
N HIS A 257 -9.28 14.90 9.30
CA HIS A 257 -10.70 15.02 8.86
C HIS A 257 -11.54 14.02 9.64
N GLN A 258 -11.05 12.79 9.74
CA GLN A 258 -11.75 11.78 10.54
C GLN A 258 -11.90 12.19 12.03
N ARG A 259 -10.79 12.62 12.64
CA ARG A 259 -10.81 13.16 14.02
C ARG A 259 -11.97 14.18 14.23
N ASP A 260 -12.00 15.17 13.36
CA ASP A 260 -12.91 16.30 13.54
C ASP A 260 -14.35 15.93 13.20
N PHE A 261 -14.55 15.06 12.21
CA PHE A 261 -15.89 14.55 11.90
C PHE A 261 -16.45 13.75 13.09
N ILE A 262 -15.62 12.85 13.65
CA ILE A 262 -15.99 12.11 14.87
C ILE A 262 -16.32 13.06 16.06
N ALA A 263 -15.41 14.01 16.37
CA ALA A 263 -15.57 14.96 17.48
C ALA A 263 -16.82 15.81 17.38
N ARG A 264 -17.08 16.34 16.20
CA ARG A 264 -18.10 17.36 16.00
C ARG A 264 -19.45 16.83 15.56
N ASP A 265 -19.45 15.79 14.73
CA ASP A 265 -20.67 15.35 14.07
C ASP A 265 -21.08 13.97 14.44
N LEU A 266 -20.23 12.99 14.11
CA LEU A 266 -20.64 11.58 14.18
C LEU A 266 -20.78 11.13 15.62
N GLY A 267 -19.78 11.38 16.44
CA GLY A 267 -19.85 11.07 17.88
C GLY A 267 -21.06 11.65 18.62
N PRO A 268 -21.19 12.99 18.64
CA PRO A 268 -22.34 13.59 19.31
C PRO A 268 -23.70 13.17 18.72
N THR A 269 -23.79 12.99 17.41
CA THR A 269 -25.07 12.60 16.78
C THR A 269 -25.50 11.20 17.22
N LEU A 270 -24.56 10.24 17.22
CA LEU A 270 -24.80 8.89 17.80
C LEU A 270 -25.15 8.92 19.30
N ALA A 271 -24.39 9.70 20.06
CA ALA A 271 -24.56 9.76 21.51
C ALA A 271 -25.90 10.38 21.91
N ASN A 272 -26.46 11.22 21.05
CA ASN A 272 -27.74 11.86 21.31
C ASN A 272 -28.93 11.10 20.68
N SER A 273 -28.69 9.88 20.21
CA SER A 273 -29.70 9.13 19.51
C SER A 273 -30.12 7.98 20.41
N THR A 274 -31.22 7.32 20.05
CA THR A 274 -31.57 6.06 20.70
C THR A 274 -30.47 5.01 20.51
N HIS A 275 -29.53 5.28 19.62
CA HIS A 275 -28.49 4.31 19.28
C HIS A 275 -27.19 4.56 20.02
N HIS A 276 -27.29 5.23 21.17
CA HIS A 276 -26.09 5.67 21.91
C HIS A 276 -25.22 4.49 22.40
N ASN A 277 -25.78 3.29 22.49
CA ASN A 277 -24.99 2.13 22.93
C ASN A 277 -24.19 1.47 21.78
N VAL A 278 -24.50 1.84 20.55
CA VAL A 278 -23.80 1.30 19.39
C VAL A 278 -22.42 1.88 19.45
N ARG A 279 -21.39 1.03 19.31
CA ARG A 279 -20.00 1.45 19.42
C ARG A 279 -19.47 2.01 18.11
N LEU A 280 -18.49 2.89 18.19
CA LEU A 280 -17.88 3.51 17.02
C LEU A 280 -16.43 3.06 16.92
N LEU A 281 -16.10 2.44 15.79
CA LEU A 281 -14.72 2.07 15.48
C LEU A 281 -14.16 3.04 14.45
N MET A 282 -12.92 3.49 14.66
CA MET A 282 -12.27 4.42 13.74
C MET A 282 -11.33 3.62 12.82
N LEU A 283 -10.72 4.30 11.84
CA LEU A 283 -9.78 3.74 10.84
C LEU A 283 -10.43 2.83 9.76
N ASP A 284 -10.69 1.55 10.08
CA ASP A 284 -11.31 0.58 9.14
C ASP A 284 -10.48 0.59 7.87
N ASP A 285 -9.18 0.44 8.05
CA ASP A 285 -8.20 0.64 7.00
C ASP A 285 -6.92 -0.12 7.34
N GLN A 286 -5.93 -0.03 6.46
CA GLN A 286 -4.70 -0.82 6.57
C GLN A 286 -3.91 -0.51 7.85
N ARG A 287 -3.47 -1.55 8.54
CA ARG A 287 -2.77 -1.33 9.81
C ARG A 287 -1.47 -0.50 9.72
N LEU A 288 -0.88 -0.33 8.52
CA LEU A 288 0.32 0.53 8.36
C LEU A 288 0.02 1.97 8.78
N LEU A 289 -1.26 2.34 8.83
CA LEU A 289 -1.72 3.68 9.23
C LEU A 289 -1.65 3.91 10.74
N LEU A 290 -1.24 2.87 11.48
CA LEU A 290 -1.03 2.83 12.92
C LEU A 290 0.46 2.85 13.21
N PRO A 291 0.86 3.54 14.29
CA PRO A 291 0.01 4.24 15.26
C PRO A 291 -0.41 5.67 14.88
N HIS A 292 0.06 6.19 13.75
CA HIS A 292 -0.22 7.58 13.39
C HIS A 292 -1.69 8.02 13.49
N TRP A 293 -2.61 7.21 12.93
CA TRP A 293 -4.04 7.57 12.90
C TRP A 293 -4.63 7.58 14.30
N ALA A 294 -4.15 6.64 15.11
CA ALA A 294 -4.56 6.52 16.50
C ALA A 294 -4.11 7.76 17.26
N LYS A 295 -2.83 8.16 17.12
CA LYS A 295 -2.35 9.40 17.69
C LYS A 295 -3.17 10.62 17.25
N VAL A 296 -3.39 10.80 15.95
CA VAL A 296 -4.19 11.97 15.48
C VAL A 296 -5.60 12.02 16.06
N VAL A 297 -6.33 10.90 15.98
CA VAL A 297 -7.72 10.88 16.50
C VAL A 297 -7.76 10.89 18.04
N LEU A 298 -7.00 9.99 18.67
CA LEU A 298 -7.17 9.74 20.09
C LEU A 298 -6.49 10.73 21.04
N THR A 299 -5.60 11.57 20.54
CA THR A 299 -5.01 12.60 21.41
C THR A 299 -5.88 13.86 21.48
N ASP A 300 -6.92 13.93 20.64
CA ASP A 300 -7.95 14.95 20.72
C ASP A 300 -9.08 14.43 21.63
N PRO A 301 -9.26 15.06 22.82
CA PRO A 301 -10.16 14.50 23.84
C PRO A 301 -11.62 14.49 23.41
N GLU A 302 -12.02 15.44 22.58
CA GLU A 302 -13.36 15.48 21.99
C GLU A 302 -13.65 14.32 21.02
N ALA A 303 -12.65 13.93 20.21
CA ALA A 303 -12.77 12.70 19.41
C ALA A 303 -12.67 11.45 20.29
N ALA A 304 -11.65 11.40 21.14
CA ALA A 304 -11.39 10.16 21.88
C ALA A 304 -12.57 9.65 22.69
N LYS A 305 -13.42 10.56 23.17
CA LYS A 305 -14.52 10.15 24.08
C LYS A 305 -15.59 9.34 23.37
N TYR A 306 -15.58 9.40 22.03
CA TYR A 306 -16.54 8.69 21.17
C TYR A 306 -16.00 7.42 20.53
N VAL A 307 -14.68 7.26 20.51
CA VAL A 307 -14.05 6.10 19.82
C VAL A 307 -13.90 4.92 20.78
N HIS A 308 -14.58 3.81 20.45
CA HIS A 308 -14.51 2.56 21.25
C HIS A 308 -13.33 1.69 20.84
N GLY A 309 -12.97 1.71 19.57
CA GLY A 309 -11.95 0.81 19.08
C GLY A 309 -11.43 1.21 17.72
N ILE A 310 -10.45 0.44 17.25
CA ILE A 310 -9.78 0.73 15.98
C ILE A 310 -9.95 -0.54 15.11
N ALA A 311 -10.58 -0.37 13.94
CA ALA A 311 -10.76 -1.43 12.95
C ALA A 311 -9.59 -1.48 11.95
N VAL A 312 -9.03 -2.65 11.69
CA VAL A 312 -7.98 -2.76 10.69
C VAL A 312 -8.25 -3.76 9.57
N HIS A 313 -7.70 -3.45 8.39
CA HIS A 313 -7.77 -4.39 7.25
C HIS A 313 -6.40 -4.93 7.01
N TRP A 314 -6.34 -6.10 6.38
CA TRP A 314 -5.16 -6.91 6.33
C TRP A 314 -4.33 -6.79 5.04
N TYR A 315 -4.85 -5.98 4.08
CA TYR A 315 -4.38 -6.06 2.71
C TYR A 315 -2.93 -5.70 2.50
N LEU A 316 -2.39 -4.82 3.34
CA LEU A 316 -0.98 -4.39 3.21
C LEU A 316 -0.15 -4.80 4.42
N ASP A 317 -0.54 -5.93 5.02
CA ASP A 317 0.13 -6.40 6.23
C ASP A 317 1.63 -6.65 6.01
N PHE A 318 2.01 -7.03 4.78
CA PHE A 318 3.45 -7.23 4.43
C PHE A 318 4.33 -5.97 4.57
N LEU A 319 3.70 -4.82 4.51
CA LEU A 319 4.34 -3.53 4.69
C LEU A 319 4.37 -3.13 6.17
N ALA A 320 3.68 -3.88 7.03
CA ALA A 320 3.30 -3.38 8.35
C ALA A 320 3.56 -4.41 9.45
N PRO A 321 4.81 -4.49 9.94
CA PRO A 321 5.07 -5.47 10.99
C PRO A 321 4.14 -5.22 12.18
N ALA A 322 3.61 -6.31 12.75
CA ALA A 322 2.61 -6.17 13.79
C ALA A 322 3.06 -5.41 15.04
N LYS A 323 4.33 -5.56 15.44
CA LYS A 323 4.78 -4.95 16.65
C LYS A 323 4.85 -3.39 16.50
N ALA A 324 5.31 -2.93 15.34
CA ALA A 324 5.45 -1.51 15.02
C ALA A 324 4.09 -0.77 14.87
N THR A 325 3.03 -1.55 14.64
CA THR A 325 1.70 -1.06 14.25
C THR A 325 0.66 -1.40 15.33
N LEU A 326 0.15 -2.64 15.31
CA LEU A 326 -0.70 -3.16 16.39
C LEU A 326 -0.05 -3.03 17.76
N GLY A 327 1.18 -3.51 17.89
CA GLY A 327 1.85 -3.51 19.20
C GLY A 327 2.00 -2.12 19.80
N GLU A 328 2.41 -1.15 18.97
CA GLU A 328 2.69 0.21 19.42
C GLU A 328 1.41 0.99 19.77
N THR A 329 0.36 0.70 19.01
CA THR A 329 -0.95 1.27 19.23
C THR A 329 -1.50 0.81 20.56
N HIS A 330 -1.41 -0.50 20.78
CA HIS A 330 -1.76 -1.06 22.07
C HIS A 330 -1.00 -0.45 23.27
N ARG A 331 0.32 -0.28 23.14
CA ARG A 331 1.17 0.33 24.16
C ARG A 331 0.67 1.75 24.52
N LEU A 332 0.49 2.56 23.47
CA LEU A 332 0.00 3.93 23.57
C LEU A 332 -1.43 4.08 24.03
N PHE A 333 -2.33 3.23 23.50
CA PHE A 333 -3.77 3.33 23.73
C PHE A 333 -4.35 1.97 24.13
N PRO A 334 -3.93 1.43 25.29
CA PRO A 334 -4.43 0.06 25.62
C PRO A 334 -5.95 -0.09 25.87
N ASN A 335 -6.63 1.01 26.14
CA ASN A 335 -8.07 1.04 26.44
C ASN A 335 -8.95 1.12 25.18
N THR A 336 -8.31 1.22 24.04
CA THR A 336 -9.01 1.33 22.76
C THR A 336 -8.75 0.00 22.03
N MET A 337 -9.78 -0.83 21.97
CA MET A 337 -9.62 -2.16 21.36
C MET A 337 -9.20 -2.15 19.88
N LEU A 338 -8.39 -3.16 19.50
CA LEU A 338 -8.03 -3.37 18.10
C LEU A 338 -8.90 -4.50 17.55
N PHE A 339 -9.48 -4.28 16.36
CA PHE A 339 -10.41 -5.26 15.76
C PHE A 339 -10.13 -5.44 14.27
N ALA A 340 -9.86 -6.66 13.83
CA ALA A 340 -9.74 -6.90 12.38
C ALA A 340 -11.11 -7.00 11.67
N SER A 341 -11.37 -6.06 10.76
CA SER A 341 -12.72 -5.88 10.19
C SER A 341 -12.91 -6.31 8.75
N GLU A 342 -11.81 -6.50 8.02
CA GLU A 342 -11.89 -7.00 6.65
C GLU A 342 -10.64 -7.68 6.08
N ALA A 343 -10.86 -8.86 5.49
CA ALA A 343 -9.78 -9.57 4.83
C ALA A 343 -10.35 -10.45 3.71
N CYS A 344 -9.58 -10.63 2.64
CA CYS A 344 -9.79 -11.67 1.62
C CYS A 344 -8.50 -11.91 0.83
N VAL A 345 -8.38 -13.10 0.27
CA VAL A 345 -7.29 -13.43 -0.64
C VAL A 345 -7.78 -13.22 -2.08
N GLY A 346 -6.85 -13.09 -3.01
CA GLY A 346 -7.20 -13.11 -4.44
C GLY A 346 -7.47 -11.73 -4.99
N SER A 347 -7.30 -10.68 -4.18
CA SER A 347 -7.58 -9.31 -4.59
C SER A 347 -6.40 -8.54 -5.22
N LYS A 348 -5.21 -9.14 -5.24
CA LYS A 348 -4.10 -8.48 -5.92
C LYS A 348 -4.29 -8.74 -7.41
N PHE A 349 -3.92 -7.75 -8.23
CA PHE A 349 -4.20 -7.78 -9.68
C PHE A 349 -3.53 -8.99 -10.38
N TRP A 350 -2.39 -9.46 -9.91
CA TRP A 350 -1.76 -10.68 -10.47
C TRP A 350 -2.30 -12.01 -9.92
N GLU A 351 -3.12 -11.97 -8.87
CA GLU A 351 -3.68 -13.17 -8.28
C GLU A 351 -4.91 -13.66 -9.04
N GLN A 352 -5.00 -14.97 -9.18
CA GLN A 352 -6.23 -15.65 -9.48
C GLN A 352 -7.25 -15.30 -8.39
N SER A 353 -8.42 -14.84 -8.82
CA SER A 353 -9.51 -14.52 -7.88
C SER A 353 -9.87 -15.68 -6.93
N VAL A 354 -10.32 -16.79 -7.50
CA VAL A 354 -10.77 -17.96 -6.76
C VAL A 354 -9.84 -19.13 -7.12
N ARG A 355 -9.19 -19.71 -6.10
CA ARG A 355 -8.36 -20.92 -6.24
C ARG A 355 -9.01 -22.03 -5.42
N LEU A 356 -10.01 -22.71 -5.97
CA LEU A 356 -10.76 -23.74 -5.22
C LEU A 356 -9.88 -24.82 -4.54
N GLY A 357 -9.81 -24.77 -3.22
CA GLY A 357 -9.13 -25.82 -2.47
C GLY A 357 -7.71 -25.43 -2.10
N SER A 358 -7.35 -24.15 -2.28
CA SER A 358 -6.02 -23.64 -1.94
C SER A 358 -5.72 -23.75 -0.44
N TRP A 359 -4.73 -24.56 -0.09
CA TRP A 359 -4.29 -24.66 1.30
C TRP A 359 -3.60 -23.36 1.71
N ASP A 360 -2.79 -22.80 0.82
CA ASP A 360 -2.04 -21.57 1.09
C ASP A 360 -3.00 -20.50 1.58
N ARG A 361 -4.13 -20.35 0.88
CA ARG A 361 -5.10 -19.32 1.26
C ARG A 361 -5.70 -19.58 2.63
N GLY A 362 -5.89 -20.84 2.98
CA GLY A 362 -6.28 -21.18 4.36
C GLY A 362 -5.22 -20.75 5.36
N MET A 363 -3.96 -21.15 5.14
CA MET A 363 -2.86 -20.77 6.04
C MET A 363 -2.71 -19.26 6.18
N GLN A 364 -2.98 -18.51 5.11
CA GLN A 364 -2.96 -17.04 5.18
C GLN A 364 -3.98 -16.52 6.19
N TYR A 365 -5.19 -17.06 6.17
CA TYR A 365 -6.20 -16.66 7.18
C TYR A 365 -5.74 -16.99 8.62
N SER A 366 -5.31 -18.23 8.83
CA SER A 366 -4.99 -18.66 10.21
C SER A 366 -3.71 -17.99 10.73
N HIS A 367 -2.72 -17.78 9.86
CA HIS A 367 -1.51 -17.04 10.26
C HIS A 367 -1.86 -15.58 10.63
N SER A 368 -2.71 -14.90 9.83
CA SER A 368 -3.18 -13.55 10.18
C SER A 368 -3.95 -13.54 11.51
N ILE A 369 -4.85 -14.52 11.69
CA ILE A 369 -5.62 -14.58 12.94
C ILE A 369 -4.70 -14.76 14.17
N ILE A 370 -3.82 -15.75 14.12
CA ILE A 370 -2.90 -15.95 15.25
C ILE A 370 -2.09 -14.68 15.50
N THR A 371 -1.58 -14.05 14.45
CA THR A 371 -0.71 -12.88 14.58
C THR A 371 -1.47 -11.72 15.17
N ASN A 372 -2.67 -11.47 14.66
CA ASN A 372 -3.58 -10.47 15.25
C ASN A 372 -3.80 -10.71 16.74
N LEU A 373 -4.23 -11.94 17.10
CA LEU A 373 -4.47 -12.28 18.51
C LEU A 373 -3.24 -12.11 19.40
N LEU A 374 -2.06 -12.39 18.85
CA LEU A 374 -0.82 -12.24 19.61
C LEU A 374 -0.45 -10.76 19.78
N TYR A 375 -1.08 -9.89 19.00
CA TYR A 375 -0.91 -8.44 19.13
C TYR A 375 -2.18 -7.69 19.51
N HIS A 376 -2.99 -8.32 20.38
CA HIS A 376 -4.02 -7.64 21.16
C HIS A 376 -5.39 -7.48 20.47
N VAL A 377 -5.48 -7.96 19.23
CA VAL A 377 -6.71 -7.81 18.43
C VAL A 377 -7.83 -8.72 19.00
N VAL A 378 -9.06 -8.18 19.06
CA VAL A 378 -10.17 -8.78 19.78
C VAL A 378 -11.12 -9.56 18.90
N GLY A 379 -10.92 -9.46 17.60
CA GLY A 379 -11.79 -10.18 16.69
C GLY A 379 -11.26 -10.11 15.29
N TRP A 380 -11.80 -10.95 14.41
CA TRP A 380 -11.34 -10.98 13.03
C TRP A 380 -12.50 -11.31 12.12
N THR A 381 -12.65 -10.50 11.09
CA THR A 381 -13.82 -10.53 10.22
C THR A 381 -13.39 -10.73 8.76
N ASP A 382 -13.87 -11.82 8.17
CA ASP A 382 -13.76 -12.12 6.76
C ASP A 382 -14.63 -11.12 5.96
N TRP A 383 -14.32 -11.02 4.67
CA TRP A 383 -15.09 -10.20 3.78
C TRP A 383 -16.30 -11.07 3.27
N ASN A 384 -16.69 -10.98 2.00
CA ASN A 384 -17.85 -11.72 1.46
C ASN A 384 -18.03 -13.13 2.07
N LEU A 385 -19.23 -13.41 2.62
CA LEU A 385 -19.54 -14.76 3.15
C LEU A 385 -19.56 -15.83 2.07
N ALA A 386 -19.93 -15.44 0.84
CA ALA A 386 -19.96 -16.40 -0.27
C ALA A 386 -19.76 -15.60 -1.56
N LEU A 387 -19.08 -16.21 -2.51
CA LEU A 387 -18.98 -15.66 -3.86
C LEU A 387 -19.25 -16.77 -4.91
N ASN A 388 -19.36 -16.40 -6.17
CA ASN A 388 -19.50 -17.34 -7.28
C ASN A 388 -18.09 -17.78 -7.73
N PRO A 389 -17.97 -18.80 -8.64
CA PRO A 389 -16.64 -19.31 -9.04
C PRO A 389 -15.72 -18.31 -9.70
N GLU A 390 -16.29 -17.22 -10.19
CA GLU A 390 -15.50 -16.12 -10.72
C GLU A 390 -14.98 -15.17 -9.63
N GLY A 391 -15.57 -15.21 -8.43
CA GLY A 391 -15.17 -14.31 -7.33
C GLY A 391 -16.08 -13.10 -7.30
N GLY A 392 -17.29 -13.28 -7.83
CA GLY A 392 -18.25 -12.21 -7.95
C GLY A 392 -19.63 -12.58 -7.42
N PRO A 393 -20.67 -11.77 -7.78
CA PRO A 393 -20.54 -10.63 -8.70
C PRO A 393 -19.91 -9.37 -8.08
N ASN A 394 -19.47 -8.45 -8.94
CA ASN A 394 -18.82 -7.21 -8.50
C ASN A 394 -18.90 -6.23 -9.68
N TRP A 395 -19.53 -5.04 -9.47
CA TRP A 395 -19.86 -4.15 -10.60
C TRP A 395 -18.65 -3.54 -11.26
N VAL A 396 -17.50 -3.59 -10.57
CA VAL A 396 -16.25 -3.15 -11.18
C VAL A 396 -15.33 -4.31 -11.54
N ARG A 397 -15.87 -5.53 -11.49
CA ARG A 397 -15.16 -6.75 -11.76
C ARG A 397 -13.90 -6.89 -10.86
N ASN A 398 -14.00 -6.39 -9.62
CA ASN A 398 -12.92 -6.48 -8.62
C ASN A 398 -13.03 -7.81 -7.83
N PHE A 399 -12.94 -8.92 -8.56
CA PHE A 399 -13.20 -10.25 -8.05
C PHE A 399 -12.12 -10.71 -7.06
N VAL A 400 -12.56 -11.43 -6.04
CA VAL A 400 -11.69 -11.96 -4.99
C VAL A 400 -12.09 -13.40 -4.63
N ASP A 401 -11.45 -13.99 -3.61
CA ASP A 401 -11.79 -15.32 -3.16
C ASP A 401 -12.70 -15.23 -1.94
N SER A 402 -13.38 -16.33 -1.62
CA SER A 402 -14.22 -16.40 -0.44
C SER A 402 -14.16 -17.81 0.13
N PRO A 403 -14.27 -17.96 1.48
CA PRO A 403 -14.26 -19.33 2.02
C PRO A 403 -15.33 -20.26 1.49
N ILE A 404 -16.46 -19.71 1.02
CA ILE A 404 -17.55 -20.55 0.46
C ILE A 404 -17.84 -20.08 -0.97
N ILE A 405 -17.78 -21.02 -1.93
CA ILE A 405 -18.02 -20.64 -3.33
C ILE A 405 -19.30 -21.35 -3.72
N VAL A 406 -20.24 -20.58 -4.25
CA VAL A 406 -21.54 -21.13 -4.71
C VAL A 406 -21.54 -21.42 -6.23
N ASP A 407 -21.94 -22.64 -6.59
CA ASP A 407 -22.06 -23.04 -7.99
C ASP A 407 -23.56 -23.21 -8.34
N ILE A 408 -24.22 -22.13 -8.76
CA ILE A 408 -25.70 -22.11 -9.04
C ILE A 408 -26.14 -23.24 -9.95
N THR A 409 -25.40 -23.50 -11.02
CA THR A 409 -25.80 -24.51 -12.02
C THR A 409 -25.82 -25.91 -11.44
N LYS A 410 -25.27 -26.07 -10.24
CA LYS A 410 -25.20 -27.38 -9.59
C LYS A 410 -25.94 -27.42 -8.27
N ASP A 411 -26.59 -26.29 -7.92
CA ASP A 411 -27.15 -26.12 -6.59
C ASP A 411 -26.18 -26.68 -5.53
N THR A 412 -24.96 -26.20 -5.61
CA THR A 412 -23.85 -26.75 -4.85
C THR A 412 -23.07 -25.59 -4.27
N PHE A 413 -22.49 -25.80 -3.09
CA PHE A 413 -21.51 -24.87 -2.55
C PHE A 413 -20.25 -25.64 -2.11
N TYR A 414 -19.13 -24.93 -2.12
CA TYR A 414 -17.83 -25.48 -1.80
C TYR A 414 -17.24 -24.76 -0.59
N LYS A 415 -16.93 -25.53 0.46
CA LYS A 415 -16.18 -24.99 1.62
C LYS A 415 -14.71 -25.19 1.41
N GLN A 416 -14.02 -24.06 1.34
CA GLN A 416 -12.62 -23.99 1.06
C GLN A 416 -11.80 -24.14 2.34
N PRO A 417 -10.50 -24.49 2.19
CA PRO A 417 -9.62 -24.50 3.35
C PRO A 417 -9.75 -23.22 4.24
N MET A 418 -9.95 -22.02 3.65
CA MET A 418 -10.18 -20.78 4.46
C MET A 418 -11.29 -20.96 5.49
N PHE A 419 -12.41 -21.61 5.10
CA PHE A 419 -13.51 -21.86 6.01
C PHE A 419 -13.04 -22.58 7.27
N TYR A 420 -12.28 -23.66 7.07
CA TYR A 420 -11.86 -24.56 8.17
C TYR A 420 -10.79 -23.91 9.02
N HIS A 421 -9.90 -23.15 8.36
CA HIS A 421 -8.86 -22.41 9.06
C HIS A 421 -9.53 -21.37 9.98
N LEU A 422 -10.49 -20.62 9.43
CA LEU A 422 -11.35 -19.71 10.26
C LEU A 422 -12.08 -20.46 11.37
N GLY A 423 -12.63 -21.63 11.07
CA GLY A 423 -13.44 -22.36 12.04
C GLY A 423 -12.59 -22.86 13.20
N HIS A 424 -11.29 -23.12 12.97
CA HIS A 424 -10.38 -23.54 14.06
C HIS A 424 -10.31 -22.52 15.22
N PHE A 425 -10.70 -21.28 14.92
CA PHE A 425 -10.81 -20.18 15.89
C PHE A 425 -12.22 -19.94 16.30
N SER A 426 -13.10 -19.70 15.33
CA SER A 426 -14.45 -19.23 15.64
C SER A 426 -15.27 -20.25 16.43
N LYS A 427 -15.12 -21.52 16.08
CA LYS A 427 -15.87 -22.58 16.76
C LYS A 427 -15.46 -22.74 18.21
N PHE A 428 -14.19 -22.47 18.52
CA PHE A 428 -13.63 -22.85 19.81
C PHE A 428 -13.25 -21.66 20.70
N ILE A 429 -13.46 -20.43 20.23
CA ILE A 429 -13.06 -19.26 20.98
C ILE A 429 -14.27 -18.36 21.10
N PRO A 430 -15.15 -18.63 22.10
CA PRO A 430 -16.38 -17.83 22.22
C PRO A 430 -16.10 -16.39 22.67
N GLU A 431 -17.05 -15.49 22.44
CA GLU A 431 -16.94 -14.11 22.94
C GLU A 431 -16.67 -14.13 24.45
N GLY A 432 -15.75 -13.28 24.88
CA GLY A 432 -15.36 -13.27 26.29
C GLY A 432 -14.14 -14.13 26.66
N SER A 433 -13.65 -14.95 25.73
CA SER A 433 -12.40 -15.67 25.93
C SER A 433 -11.30 -14.67 26.13
N GLN A 434 -10.26 -15.05 26.87
CA GLN A 434 -9.14 -14.15 27.06
C GLN A 434 -7.86 -14.77 26.60
N ARG A 435 -7.12 -14.05 25.76
CA ARG A 435 -5.81 -14.52 25.35
C ARG A 435 -4.90 -14.50 26.58
N VAL A 436 -4.18 -15.61 26.78
CA VAL A 436 -3.27 -15.78 27.91
C VAL A 436 -1.85 -16.04 27.34
N GLY A 437 -0.82 -16.02 28.18
CA GLY A 437 0.54 -16.29 27.76
C GLY A 437 0.80 -17.70 27.23
N LEU A 438 1.70 -17.80 26.25
CA LEU A 438 2.20 -19.07 25.71
C LEU A 438 3.64 -18.89 25.25
N VAL A 439 4.55 -19.60 25.90
CA VAL A 439 5.96 -19.43 25.58
C VAL A 439 6.52 -20.74 25.01
N ALA A 440 7.49 -20.62 24.09
CA ALA A 440 8.18 -21.72 23.45
C ALA A 440 9.58 -21.93 24.06
N SER A 441 9.94 -23.19 24.26
CA SER A 441 11.23 -23.54 24.86
C SER A 441 12.41 -23.33 23.90
N GLN A 442 12.11 -23.31 22.60
CA GLN A 442 13.11 -23.11 21.55
C GLN A 442 12.49 -22.43 20.34
N LYS A 443 13.34 -21.76 19.55
CA LYS A 443 13.02 -21.33 18.18
C LYS A 443 12.31 -22.44 17.38
N ASN A 444 11.23 -22.06 16.72
CA ASN A 444 10.41 -23.02 15.99
C ASN A 444 9.65 -22.31 14.87
N ASP A 445 9.08 -23.08 13.95
CA ASP A 445 8.41 -22.55 12.77
C ASP A 445 6.88 -22.59 12.87
N LEU A 446 6.37 -22.92 14.05
CA LEU A 446 4.92 -22.95 14.28
C LEU A 446 4.34 -21.58 14.66
N ASP A 447 3.06 -21.36 14.35
CA ASP A 447 2.32 -20.25 14.91
C ASP A 447 1.33 -20.83 15.90
N ALA A 448 1.30 -20.27 17.10
CA ALA A 448 0.43 -20.80 18.16
C ALA A 448 -0.09 -19.68 19.06
N VAL A 449 -1.31 -19.86 19.57
CA VAL A 449 -1.88 -18.90 20.50
C VAL A 449 -2.70 -19.66 21.53
N ALA A 450 -2.69 -19.17 22.77
CA ALA A 450 -3.45 -19.78 23.86
C ALA A 450 -4.45 -18.81 24.41
N LEU A 451 -5.66 -19.30 24.65
CA LEU A 451 -6.70 -18.51 25.27
C LEU A 451 -7.43 -19.30 26.35
N MET A 452 -8.13 -18.57 27.21
CA MET A 452 -8.93 -19.18 28.26
C MET A 452 -10.38 -18.84 27.97
N HIS A 453 -11.21 -19.87 27.86
CA HIS A 453 -12.64 -19.75 27.69
C HIS A 453 -13.22 -19.07 28.91
N PRO A 454 -14.41 -18.42 28.75
CA PRO A 454 -15.06 -17.88 29.93
C PRO A 454 -15.31 -18.87 31.11
N ASP A 455 -15.52 -20.14 30.84
CA ASP A 455 -15.65 -21.11 31.97
C ASP A 455 -14.33 -21.56 32.60
N GLY A 456 -13.21 -21.01 32.14
CA GLY A 456 -11.88 -21.35 32.65
C GLY A 456 -11.08 -22.43 31.90
N SER A 457 -11.70 -23.10 30.96
CA SER A 457 -11.06 -24.14 30.16
C SER A 457 -10.07 -23.53 29.16
N ALA A 458 -9.21 -24.37 28.59
CA ALA A 458 -8.14 -23.83 27.72
C ALA A 458 -8.39 -24.14 26.25
N VAL A 459 -7.86 -23.27 25.40
CA VAL A 459 -7.88 -23.47 23.95
C VAL A 459 -6.53 -23.02 23.42
N VAL A 460 -5.95 -23.87 22.58
CA VAL A 460 -4.67 -23.58 21.94
C VAL A 460 -4.74 -23.93 20.48
N VAL A 461 -4.44 -22.94 19.62
CA VAL A 461 -4.37 -23.23 18.20
C VAL A 461 -2.91 -23.28 17.79
N VAL A 462 -2.59 -24.30 16.99
CA VAL A 462 -1.22 -24.51 16.51
C VAL A 462 -1.24 -24.67 14.99
N LEU A 463 -0.61 -23.74 14.29
CA LEU A 463 -0.53 -23.78 12.83
C LEU A 463 0.91 -24.13 12.42
N ASN A 464 1.03 -25.09 11.51
CA ASN A 464 2.30 -25.48 10.96
C ASN A 464 2.23 -25.16 9.49
N ARG A 465 2.85 -24.04 9.11
CA ARG A 465 2.96 -23.61 7.70
C ARG A 465 4.13 -24.25 6.92
N SER A 466 4.93 -25.08 7.61
CA SER A 466 6.13 -25.72 7.05
C SER A 466 5.78 -27.11 6.57
N SER A 467 6.67 -27.71 5.78
CA SER A 467 6.43 -29.04 5.23
C SER A 467 6.79 -30.12 6.24
N LYS A 468 7.33 -29.72 7.38
CA LYS A 468 7.93 -30.68 8.31
C LYS A 468 7.06 -30.91 9.54
N ASP A 469 6.87 -32.17 9.87
CA ASP A 469 6.23 -32.58 11.11
C ASP A 469 7.07 -32.12 12.28
N VAL A 470 6.39 -31.62 13.31
CA VAL A 470 7.09 -31.12 14.48
C VAL A 470 6.48 -31.77 15.70
N PRO A 471 7.21 -32.74 16.34
CA PRO A 471 6.63 -33.19 17.61
C PRO A 471 6.72 -32.09 18.67
N LEU A 472 5.74 -32.07 19.58
CA LEU A 472 5.77 -31.05 20.59
C LEU A 472 4.95 -31.41 21.77
N THR A 473 5.20 -30.68 22.85
CA THR A 473 4.47 -30.85 24.09
C THR A 473 3.91 -29.50 24.53
N ILE A 474 2.68 -29.49 24.99
CA ILE A 474 2.10 -28.31 25.56
C ILE A 474 2.06 -28.53 27.07
N LYS A 475 2.63 -27.60 27.83
CA LYS A 475 2.54 -27.66 29.29
C LYS A 475 1.50 -26.66 29.86
N ASP A 476 0.54 -27.19 30.62
CA ASP A 476 -0.30 -26.39 31.47
C ASP A 476 0.06 -26.70 32.93
N PRO A 477 0.61 -25.71 33.67
CA PRO A 477 0.97 -25.86 35.09
C PRO A 477 -0.16 -26.41 36.00
N ALA A 478 -1.42 -26.11 35.67
CA ALA A 478 -2.56 -26.65 36.45
C ALA A 478 -2.85 -28.12 36.25
N VAL A 479 -2.64 -28.63 35.04
CA VAL A 479 -3.11 -29.97 34.70
C VAL A 479 -2.01 -30.94 34.34
N GLY A 480 -1.02 -30.48 33.59
CA GLY A 480 0.01 -31.39 33.09
C GLY A 480 0.42 -31.15 31.65
N PHE A 481 0.74 -32.23 30.97
CA PHE A 481 1.37 -32.15 29.66
C PHE A 481 0.55 -32.87 28.59
N LEU A 482 0.44 -32.22 27.44
CA LEU A 482 -0.14 -32.84 26.26
C LEU A 482 1.02 -33.18 25.33
N GLU A 483 1.18 -34.47 25.05
CA GLU A 483 2.21 -34.94 24.12
C GLU A 483 1.54 -35.05 22.74
N THR A 484 2.08 -34.36 21.76
CA THR A 484 1.38 -34.28 20.51
C THR A 484 2.36 -34.11 19.38
N ILE A 485 1.82 -33.89 18.20
CA ILE A 485 2.64 -33.67 17.01
C ILE A 485 1.88 -32.71 16.08
N SER A 486 2.62 -31.75 15.50
CA SER A 486 2.06 -30.85 14.52
C SER A 486 2.58 -31.22 13.15
N PRO A 487 1.76 -31.96 12.37
CA PRO A 487 2.16 -32.35 11.03
C PRO A 487 2.37 -31.15 10.12
N GLY A 488 3.32 -31.28 9.19
CA GLY A 488 3.54 -30.26 8.17
C GLY A 488 2.24 -29.93 7.47
N TYR A 489 2.01 -28.64 7.22
CA TYR A 489 0.73 -28.21 6.58
C TYR A 489 -0.52 -28.70 7.34
N SER A 490 -0.55 -28.47 8.65
CA SER A 490 -1.76 -28.72 9.40
C SER A 490 -2.13 -27.52 10.28
N ILE A 491 -3.32 -27.59 10.83
CA ILE A 491 -3.74 -26.66 11.88
C ILE A 491 -4.55 -27.56 12.85
N HIS A 492 -4.28 -27.37 14.14
CA HIS A 492 -4.90 -28.09 15.25
C HIS A 492 -5.51 -27.07 16.17
N THR A 493 -6.66 -27.41 16.73
CA THR A 493 -7.16 -26.68 17.92
C THR A 493 -7.22 -27.70 19.06
N TYR A 494 -6.56 -27.37 20.18
CA TYR A 494 -6.57 -28.20 21.40
C TYR A 494 -7.49 -27.61 22.45
N LEU A 495 -8.30 -28.48 23.05
CA LEU A 495 -9.23 -28.05 24.08
C LEU A 495 -9.04 -28.91 25.32
N TRP A 496 -8.98 -28.29 26.50
CA TRP A 496 -9.06 -29.10 27.71
C TRP A 496 -9.60 -28.33 28.90
N HIS A 497 -10.21 -29.09 29.80
CA HIS A 497 -10.65 -28.52 31.05
C HIS A 497 -9.56 -28.61 32.08
N ARG A 498 -9.48 -27.53 32.85
CA ARG A 498 -8.41 -27.34 33.82
C ARG A 498 -9.02 -27.52 35.21
N GLN A 499 -10.19 -28.16 35.28
CA GLN A 499 -11.04 -28.20 36.46
C GLN A 499 -10.38 -28.86 37.68
N PHE B 2 18.82 27.78 -30.86
CA PHE B 2 17.70 28.79 -30.93
C PHE B 2 16.31 28.22 -30.57
N ALA B 3 15.41 29.12 -30.12
CA ALA B 3 14.05 28.73 -29.78
C ALA B 3 13.31 28.16 -31.00
N ARG B 4 12.72 27.00 -30.78
CA ARG B 4 11.82 26.33 -31.70
C ARG B 4 10.62 26.00 -30.82
N PRO B 5 9.42 26.43 -31.21
CA PRO B 5 8.27 26.13 -30.37
C PRO B 5 7.87 24.64 -30.39
N CYS B 6 7.10 24.24 -29.36
CA CYS B 6 6.31 23.02 -29.34
C CYS B 6 5.47 22.93 -30.61
N ILE B 7 5.57 21.80 -31.31
CA ILE B 7 4.55 21.43 -32.31
C ILE B 7 3.46 20.65 -31.54
N PRO B 8 2.34 21.32 -31.21
CA PRO B 8 1.38 20.61 -30.36
C PRO B 8 0.55 19.56 -31.10
N LYS B 9 0.21 18.49 -30.38
CA LYS B 9 -0.75 17.51 -30.86
C LYS B 9 -1.62 16.98 -29.74
N SER B 10 -2.91 16.99 -30.01
CA SER B 10 -3.89 16.50 -29.08
C SER B 10 -4.23 15.06 -29.44
N PHE B 11 -4.55 14.27 -28.43
CA PHE B 11 -5.00 12.90 -28.64
C PHE B 11 -6.32 12.68 -27.91
N GLY B 12 -6.98 13.79 -27.60
CA GLY B 12 -8.24 13.77 -26.91
C GLY B 12 -8.19 13.91 -25.41
N TYR B 13 -6.99 14.04 -24.83
CA TYR B 13 -6.88 14.21 -23.37
C TYR B 13 -6.81 15.70 -23.03
N SER B 14 -6.42 16.06 -21.81
CA SER B 14 -6.68 17.41 -21.31
C SER B 14 -5.78 18.47 -21.93
N SER B 15 -4.63 18.04 -22.47
CA SER B 15 -3.69 18.96 -23.05
C SER B 15 -2.98 18.30 -24.23
N VAL B 16 -1.98 18.97 -24.75
CA VAL B 16 -1.28 18.50 -25.95
C VAL B 16 0.06 17.87 -25.62
N VAL B 17 0.56 17.02 -26.51
CA VAL B 17 1.98 16.64 -26.51
C VAL B 17 2.76 17.58 -27.44
N CYS B 18 4.09 17.63 -27.27
CA CYS B 18 4.96 18.26 -28.26
C CYS B 18 5.63 17.21 -29.17
N VAL B 19 5.43 17.35 -30.49
CA VAL B 19 5.88 16.37 -31.46
C VAL B 19 7.31 16.66 -31.92
N CYS B 20 8.16 15.64 -31.86
CA CYS B 20 9.53 15.77 -32.28
C CYS B 20 9.87 14.65 -33.25
N ASN B 21 10.85 14.85 -34.11
CA ASN B 21 11.23 13.81 -35.07
C ASN B 21 12.68 13.95 -35.41
N ALA B 22 13.11 13.40 -36.55
CA ALA B 22 14.52 13.44 -36.94
C ALA B 22 15.09 14.84 -37.19
N THR B 23 14.27 15.83 -37.53
CA THR B 23 14.79 17.15 -37.94
C THR B 23 14.27 18.28 -37.07
N TYR B 24 13.32 17.98 -36.20
CA TYR B 24 12.72 19.01 -35.38
C TYR B 24 12.39 18.52 -33.96
N CYS B 25 12.71 19.37 -33.01
CA CYS B 25 12.24 19.21 -31.65
C CYS B 25 12.27 20.60 -31.04
N ASP B 26 11.29 20.88 -30.17
CA ASP B 26 11.24 22.17 -29.47
C ASP B 26 12.49 22.32 -28.60
N SER B 27 12.96 23.55 -28.48
CA SER B 27 14.20 23.89 -27.79
C SER B 27 14.13 25.32 -27.25
N PHE B 28 15.20 25.74 -26.57
CA PHE B 28 15.30 27.07 -25.99
C PHE B 28 16.26 27.98 -26.75
N ASP B 29 16.03 29.29 -26.64
CA ASP B 29 17.06 30.29 -26.98
C ASP B 29 18.21 30.21 -25.95
N PRO B 30 19.44 30.62 -26.35
CA PRO B 30 20.56 30.65 -25.38
C PRO B 30 20.29 31.52 -24.14
N PRO B 31 20.97 31.21 -23.01
CA PRO B 31 20.67 31.87 -21.74
C PRO B 31 21.06 33.34 -21.76
N THR B 32 20.18 34.17 -21.22
CA THR B 32 20.45 35.57 -21.06
C THR B 32 20.53 35.83 -19.55
N PHE B 33 21.11 36.98 -19.18
CA PHE B 33 21.14 37.43 -17.79
C PHE B 33 20.21 38.62 -17.60
N PRO B 34 19.10 38.41 -16.86
CA PRO B 34 18.14 39.50 -16.70
C PRO B 34 18.70 40.58 -15.76
N ALA B 35 18.62 41.85 -16.21
CA ALA B 35 19.11 42.99 -15.40
C ALA B 35 18.50 42.93 -14.01
N LEU B 36 19.26 43.35 -13.01
CA LEU B 36 18.74 43.55 -11.66
C LEU B 36 17.47 44.41 -11.75
N GLY B 37 16.52 44.18 -10.83
CA GLY B 37 15.19 44.79 -10.94
C GLY B 37 14.29 44.12 -11.98
N THR B 38 14.76 43.00 -12.54
CA THR B 38 14.03 42.25 -13.56
C THR B 38 13.95 40.77 -13.16
N PHE B 39 12.82 40.13 -13.42
CA PHE B 39 12.73 38.68 -13.18
C PHE B 39 12.41 37.97 -14.49
N SER B 40 12.84 36.71 -14.58
CA SER B 40 12.39 35.83 -15.65
C SER B 40 11.32 34.86 -15.15
N ARG B 41 10.35 34.59 -16.02
CA ARG B 41 9.22 33.69 -15.73
C ARG B 41 9.16 32.66 -16.84
N TYR B 42 9.17 31.37 -16.51
CA TYR B 42 8.82 30.32 -17.48
C TYR B 42 7.44 29.78 -17.17
N GLU B 43 6.60 29.66 -18.18
CA GLU B 43 5.23 29.28 -17.96
C GLU B 43 4.85 28.12 -18.87
N SER B 44 4.18 27.14 -18.26
CA SER B 44 3.53 26.07 -18.99
C SER B 44 2.07 26.04 -18.58
N THR B 45 1.16 25.81 -19.52
CA THR B 45 -0.28 25.76 -19.20
C THR B 45 -0.93 24.56 -19.88
N ARG B 46 -2.03 24.10 -19.31
CA ARG B 46 -2.91 23.10 -19.94
C ARG B 46 -3.39 23.58 -21.36
N SER B 47 -3.65 24.87 -21.47
CA SER B 47 -4.06 25.48 -22.76
C SER B 47 -2.97 25.35 -23.82
N GLY B 48 -1.74 25.00 -23.43
CA GLY B 48 -0.74 24.64 -24.43
C GLY B 48 0.61 25.36 -24.39
N ARG B 49 0.81 26.32 -23.47
CA ARG B 49 2.12 26.99 -23.35
C ARG B 49 3.14 26.01 -22.78
N ARG B 50 4.33 26.04 -23.36
CA ARG B 50 5.35 25.07 -22.99
C ARG B 50 6.60 25.80 -22.64
N MET B 51 6.76 26.03 -21.32
CA MET B 51 7.95 26.63 -20.76
C MET B 51 8.35 27.92 -21.49
N GLU B 52 7.33 28.77 -21.73
CA GLU B 52 7.45 30.05 -22.42
C GLU B 52 8.08 31.09 -21.52
N LEU B 53 9.03 31.82 -22.08
CA LEU B 53 9.79 32.82 -21.36
C LEU B 53 9.15 34.19 -21.45
N SER B 54 9.02 34.83 -20.30
CA SER B 54 8.70 36.25 -20.24
C SER B 54 9.49 36.86 -19.10
N MET B 55 9.41 38.18 -19.01
CA MET B 55 10.10 38.91 -17.98
C MET B 55 9.20 40.00 -17.40
N GLY B 56 9.55 40.45 -16.22
CA GLY B 56 8.81 41.48 -15.53
C GLY B 56 9.70 42.29 -14.63
N PRO B 57 9.20 43.46 -14.18
CA PRO B 57 9.96 44.32 -13.29
C PRO B 57 9.78 43.87 -11.82
N ILE B 58 10.79 44.13 -11.01
CA ILE B 58 10.71 43.97 -9.58
C ILE B 58 10.54 45.37 -8.98
N GLN B 59 9.48 45.57 -8.20
CA GLN B 59 9.25 46.88 -7.56
C GLN B 59 9.72 46.98 -6.13
N ALA B 60 10.09 48.22 -5.75
CA ALA B 60 10.55 48.49 -4.39
C ALA B 60 9.44 48.31 -3.35
N ASN B 61 8.19 48.61 -3.73
CA ASN B 61 7.08 48.52 -2.79
C ASN B 61 5.94 47.68 -3.32
N HIS B 62 5.06 47.33 -2.40
CA HIS B 62 3.84 46.60 -2.70
C HIS B 62 2.74 47.01 -1.73
N THR B 63 1.54 47.20 -2.27
CA THR B 63 0.35 47.43 -1.46
C THR B 63 -0.78 46.57 -2.03
N GLY B 64 -1.52 45.93 -1.15
CA GLY B 64 -2.72 45.22 -1.54
C GLY B 64 -3.04 44.17 -0.52
N THR B 65 -4.19 43.53 -0.66
CA THR B 65 -4.61 42.50 0.26
C THR B 65 -4.51 41.10 -0.37
N GLY B 66 -3.84 41.02 -1.52
CA GLY B 66 -3.75 39.75 -2.23
C GLY B 66 -2.76 38.81 -1.59
N LEU B 67 -2.70 37.59 -2.11
CA LEU B 67 -1.72 36.60 -1.65
C LEU B 67 -0.30 37.12 -1.86
N LEU B 68 0.49 37.01 -0.80
CA LEU B 68 1.89 37.39 -0.81
C LEU B 68 2.72 36.17 -0.40
N LEU B 69 3.72 35.79 -1.21
CA LEU B 69 4.65 34.74 -0.82
C LEU B 69 6.00 35.39 -0.50
N THR B 70 6.45 35.21 0.73
CA THR B 70 7.69 35.86 1.15
C THR B 70 8.85 34.87 1.28
N LEU B 71 9.88 35.14 0.49
CA LEU B 71 11.14 34.42 0.55
C LEU B 71 11.75 34.66 1.92
N GLN B 72 12.34 33.62 2.51
CA GLN B 72 13.12 33.73 3.74
C GLN B 72 14.52 33.17 3.46
N PRO B 73 15.39 33.97 2.84
CA PRO B 73 16.68 33.43 2.41
C PRO B 73 17.59 32.99 3.57
N GLU B 74 17.25 33.43 4.80
CA GLU B 74 18.03 33.13 6.01
C GLU B 74 17.71 31.74 6.53
N GLN B 75 16.54 31.23 6.15
CA GLN B 75 16.04 29.90 6.56
C GLN B 75 16.51 28.90 5.54
N LYS B 76 17.56 28.15 5.89
CA LYS B 76 18.22 27.29 4.92
C LYS B 76 18.00 25.83 5.21
N PHE B 77 17.66 25.08 4.16
CA PHE B 77 17.30 23.68 4.29
C PHE B 77 18.28 22.83 3.48
N GLN B 78 17.77 21.87 2.71
CA GLN B 78 18.65 20.89 2.08
C GLN B 78 19.23 21.43 0.79
N LYS B 79 20.42 20.95 0.50
CA LYS B 79 21.01 21.11 -0.82
C LYS B 79 20.54 20.02 -1.80
N VAL B 80 20.39 20.42 -3.07
CA VAL B 80 19.83 19.56 -4.10
C VAL B 80 20.91 18.73 -4.73
N LYS B 81 20.66 17.43 -4.85
CA LYS B 81 21.51 16.56 -5.65
C LYS B 81 21.09 16.64 -7.12
N GLY B 82 19.78 16.47 -7.37
CA GLY B 82 19.23 16.77 -8.68
C GLY B 82 18.04 15.94 -9.13
N PHE B 83 17.92 15.81 -10.44
CA PHE B 83 16.73 15.29 -11.12
C PHE B 83 17.09 14.44 -12.33
N GLY B 84 16.29 13.40 -12.59
CA GLY B 84 16.52 12.56 -13.74
C GLY B 84 15.49 11.48 -13.95
N GLY B 85 15.94 10.41 -14.61
CA GLY B 85 15.09 9.26 -14.87
C GLY B 85 15.88 8.00 -15.08
N ALA B 86 15.19 6.94 -15.49
CA ALA B 86 15.75 5.61 -15.55
C ALA B 86 16.06 5.09 -16.95
N MET B 87 17.31 4.65 -17.12
CA MET B 87 17.75 3.95 -18.35
C MET B 87 17.53 2.43 -18.21
N THR B 88 16.24 2.04 -18.24
CA THR B 88 15.79 0.65 -18.26
C THR B 88 16.07 0.10 -19.65
N ASP B 89 15.99 -1.24 -19.79
CA ASP B 89 15.99 -1.91 -21.09
C ASP B 89 14.89 -1.39 -22.01
N ALA B 90 13.70 -1.13 -21.48
CA ALA B 90 12.61 -0.64 -22.29
C ALA B 90 12.87 0.78 -22.80
N ALA B 91 13.29 1.69 -21.91
CA ALA B 91 13.70 3.06 -22.36
C ALA B 91 14.77 3.01 -23.45
N ALA B 92 15.79 2.21 -23.23
CA ALA B 92 16.90 2.10 -24.21
C ALA B 92 16.43 1.61 -25.59
N LEU B 93 15.53 0.62 -25.57
CA LEU B 93 14.98 0.06 -26.79
C LEU B 93 14.17 1.04 -27.54
N ASN B 94 13.39 1.83 -26.82
CA ASN B 94 12.54 2.81 -27.43
C ASN B 94 13.31 3.96 -28.01
N ILE B 95 14.35 4.42 -27.31
CA ILE B 95 15.19 5.50 -27.82
C ILE B 95 15.93 5.03 -29.08
N LEU B 96 16.41 3.79 -29.06
CA LEU B 96 17.22 3.26 -30.17
C LEU B 96 16.39 2.81 -31.36
N ALA B 97 15.08 2.73 -31.17
CA ALA B 97 14.13 2.49 -32.27
C ALA B 97 13.98 3.71 -33.19
N LEU B 98 14.37 4.89 -32.71
CA LEU B 98 14.31 6.13 -33.50
C LEU B 98 15.48 6.19 -34.45
N SER B 99 15.38 6.98 -35.52
CA SER B 99 16.54 7.20 -36.36
C SER B 99 17.57 7.97 -35.52
N PRO B 100 18.88 7.81 -35.82
CA PRO B 100 19.90 8.47 -34.99
C PRO B 100 19.76 9.99 -34.78
N PRO B 101 19.44 10.79 -35.82
CA PRO B 101 19.16 12.19 -35.44
C PRO B 101 17.95 12.45 -34.53
N ALA B 102 16.89 11.67 -34.62
CA ALA B 102 15.77 11.76 -33.64
C ALA B 102 16.20 11.34 -32.21
N GLN B 103 17.00 10.27 -32.14
CA GLN B 103 17.68 9.84 -30.91
C GLN B 103 18.43 10.98 -30.26
N ASN B 104 19.18 11.73 -31.06
CA ASN B 104 19.99 12.80 -30.51
C ASN B 104 19.10 13.94 -29.99
N LEU B 105 18.00 14.19 -30.67
CA LEU B 105 17.07 15.24 -30.21
C LEU B 105 16.34 14.80 -28.94
N LEU B 106 16.00 13.52 -28.83
CA LEU B 106 15.43 12.97 -27.60
C LEU B 106 16.41 13.11 -26.43
N LEU B 107 17.66 12.67 -26.63
CA LEU B 107 18.70 12.75 -25.57
C LEU B 107 19.03 14.20 -25.17
N LYS B 108 19.01 15.11 -26.14
CA LYS B 108 19.22 16.53 -25.85
C LYS B 108 18.05 17.12 -25.08
N SER B 109 16.83 16.68 -25.38
CA SER B 109 15.66 17.17 -24.63
C SER B 109 15.89 16.97 -23.12
N TYR B 110 16.50 15.85 -22.76
CA TYR B 110 16.64 15.51 -21.36
C TYR B 110 17.91 16.08 -20.77
N PHE B 111 19.02 15.87 -21.49
CA PHE B 111 20.36 15.89 -20.90
C PHE B 111 21.18 17.09 -21.29
N SER B 112 20.77 17.74 -22.36
CA SER B 112 21.44 18.95 -22.81
C SER B 112 20.99 20.21 -22.05
N GLU B 113 21.89 21.18 -22.08
CA GLU B 113 21.68 22.46 -21.46
C GLU B 113 20.63 23.14 -22.32
N GLU B 114 20.46 22.69 -23.55
CA GLU B 114 19.37 23.24 -24.37
C GLU B 114 18.08 22.44 -24.28
N GLY B 115 18.08 21.42 -23.42
CA GLY B 115 16.87 20.74 -22.99
C GLY B 115 16.69 21.10 -21.54
N ILE B 116 16.36 20.11 -20.70
CA ILE B 116 15.95 20.38 -19.30
C ILE B 116 16.98 19.95 -18.25
N GLY B 117 18.20 19.65 -18.72
CA GLY B 117 19.34 19.56 -17.85
C GLY B 117 19.34 18.48 -16.78
N TYR B 118 18.73 17.32 -17.08
CA TYR B 118 18.85 16.12 -16.24
C TYR B 118 20.31 15.87 -15.81
N ASN B 119 20.50 15.54 -14.54
CA ASN B 119 21.87 15.23 -14.08
C ASN B 119 21.89 13.90 -13.26
N ILE B 120 20.79 13.14 -13.34
CA ILE B 120 20.72 11.82 -12.69
C ILE B 120 20.18 10.77 -13.68
N ILE B 121 20.84 9.60 -13.70
CA ILE B 121 20.36 8.45 -14.49
C ILE B 121 20.33 7.23 -13.57
N ARG B 122 19.14 6.65 -13.37
CA ARG B 122 19.06 5.41 -12.61
C ARG B 122 19.25 4.20 -13.55
N VAL B 123 20.09 3.27 -13.13
CA VAL B 123 20.47 2.11 -13.95
C VAL B 123 20.06 0.81 -13.25
N PRO B 124 19.02 0.10 -13.72
CA PRO B 124 18.79 -1.20 -13.09
C PRO B 124 20.02 -2.13 -13.22
N MET B 125 20.27 -2.89 -12.16
CA MET B 125 21.32 -3.92 -12.19
C MET B 125 20.68 -5.19 -12.69
N ALA B 126 20.82 -5.41 -13.99
CA ALA B 126 20.23 -6.54 -14.75
C ALA B 126 18.73 -6.31 -14.99
N SER B 127 17.93 -7.38 -15.07
CA SER B 127 16.52 -7.26 -15.51
C SER B 127 15.48 -6.76 -14.47
N CYS B 128 14.44 -6.14 -15.01
CA CYS B 128 13.30 -5.75 -14.22
C CYS B 128 12.03 -5.95 -15.08
N ASP B 129 10.88 -5.45 -14.64
CA ASP B 129 9.64 -5.58 -15.43
C ASP B 129 9.79 -4.87 -16.78
N PHE B 130 10.49 -3.74 -16.79
CA PHE B 130 10.75 -3.01 -18.03
C PHE B 130 12.00 -3.55 -18.79
N SER B 131 11.89 -4.86 -19.04
CA SER B 131 12.85 -5.65 -19.79
C SER B 131 12.01 -6.62 -20.65
N ILE B 132 12.58 -7.04 -21.77
CA ILE B 132 11.93 -7.99 -22.64
C ILE B 132 12.46 -9.39 -22.35
N ARG B 133 13.60 -9.49 -21.70
CA ARG B 133 14.00 -10.80 -21.19
C ARG B 133 14.48 -10.82 -19.75
N THR B 134 14.54 -12.03 -19.21
CA THR B 134 14.79 -12.24 -17.81
C THR B 134 16.19 -12.80 -17.70
N TYR B 135 17.01 -12.13 -16.90
CA TYR B 135 18.42 -12.49 -16.77
C TYR B 135 18.93 -11.78 -15.54
N THR B 136 19.99 -12.32 -14.96
CA THR B 136 20.84 -11.52 -14.11
C THR B 136 22.24 -11.51 -14.74
N TYR B 137 23.22 -10.99 -14.00
CA TYR B 137 24.61 -10.98 -14.44
C TYR B 137 25.35 -12.25 -14.07
N ALA B 138 24.72 -13.11 -13.24
CA ALA B 138 25.36 -14.33 -12.81
C ALA B 138 24.39 -15.49 -12.73
N ASP B 139 23.89 -15.88 -13.89
CA ASP B 139 22.90 -16.94 -14.00
C ASP B 139 23.42 -18.39 -14.02
N THR B 140 24.73 -18.59 -14.24
CA THR B 140 25.41 -19.90 -14.03
C THR B 140 25.25 -20.31 -12.56
N PRO B 141 24.54 -21.44 -12.29
CA PRO B 141 24.22 -21.80 -10.91
C PRO B 141 25.44 -22.05 -10.04
N ASP B 142 25.31 -21.69 -8.76
CA ASP B 142 26.28 -22.00 -7.68
C ASP B 142 27.68 -21.42 -7.90
N ASP B 143 27.74 -20.34 -8.69
CA ASP B 143 28.97 -19.59 -8.97
C ASP B 143 29.24 -18.55 -7.87
N PHE B 144 29.62 -19.05 -6.69
CA PHE B 144 29.82 -18.19 -5.53
C PHE B 144 31.02 -17.27 -5.70
N GLN B 145 32.00 -17.73 -6.48
CA GLN B 145 33.21 -16.99 -6.86
C GLN B 145 32.87 -15.86 -7.87
N LEU B 146 31.72 -15.98 -8.49
CA LEU B 146 31.24 -15.07 -9.56
C LEU B 146 32.18 -14.99 -10.78
N HIS B 147 32.81 -16.11 -11.13
CA HIS B 147 33.67 -16.17 -12.32
C HIS B 147 32.90 -15.93 -13.61
N ASN B 148 31.58 -16.19 -13.57
CA ASN B 148 30.74 -16.06 -14.75
C ASN B 148 29.81 -14.84 -14.75
N PHE B 149 30.07 -13.95 -13.80
CA PHE B 149 29.50 -12.61 -13.80
C PHE B 149 29.92 -11.90 -15.11
N SER B 150 28.94 -11.53 -15.93
CA SER B 150 29.20 -10.66 -17.08
C SER B 150 28.00 -9.82 -17.44
N LEU B 151 28.27 -8.70 -18.10
CA LEU B 151 27.25 -7.85 -18.62
C LEU B 151 26.83 -8.39 -19.99
N PRO B 152 25.52 -8.58 -20.18
CA PRO B 152 25.02 -8.94 -21.50
C PRO B 152 24.83 -7.71 -22.41
N GLU B 153 24.36 -7.92 -23.63
CA GLU B 153 24.22 -6.84 -24.62
C GLU B 153 23.25 -5.73 -24.20
N GLU B 154 22.29 -6.05 -23.33
CA GLU B 154 21.38 -5.05 -22.77
C GLU B 154 22.15 -3.90 -22.14
N ASP B 155 23.25 -4.22 -21.44
CA ASP B 155 24.18 -3.23 -20.95
C ASP B 155 25.19 -2.78 -22.00
N THR B 156 26.02 -3.70 -22.52
CA THR B 156 27.12 -3.30 -23.44
C THR B 156 26.72 -2.70 -24.78
N LYS B 157 25.58 -3.11 -25.34
CA LYS B 157 25.16 -2.54 -26.63
C LYS B 157 24.10 -1.45 -26.54
N LEU B 158 23.29 -1.51 -25.49
CA LEU B 158 22.13 -0.61 -25.36
C LEU B 158 22.30 0.50 -24.32
N LYS B 159 22.28 0.09 -23.03
CA LYS B 159 22.25 1.01 -21.92
C LYS B 159 23.57 1.81 -21.84
N ILE B 160 24.69 1.11 -21.84
CA ILE B 160 25.98 1.81 -21.64
C ILE B 160 26.28 2.83 -22.75
N PRO B 161 26.13 2.43 -24.05
CA PRO B 161 26.34 3.44 -25.11
C PRO B 161 25.44 4.68 -25.03
N LEU B 162 24.20 4.50 -24.58
CA LEU B 162 23.24 5.59 -24.50
C LEU B 162 23.64 6.48 -23.35
N ILE B 163 24.08 5.86 -22.28
CA ILE B 163 24.50 6.59 -21.10
C ILE B 163 25.70 7.48 -21.44
N HIS B 164 26.69 6.93 -22.13
CA HIS B 164 27.86 7.71 -22.56
C HIS B 164 27.36 8.87 -23.44
N ARG B 165 26.39 8.64 -24.32
CA ARG B 165 25.88 9.72 -25.19
C ARG B 165 25.20 10.86 -24.42
N ALA B 166 24.40 10.47 -23.41
CA ALA B 166 23.76 11.39 -22.47
C ALA B 166 24.79 12.25 -21.76
N LEU B 167 25.82 11.59 -21.23
CA LEU B 167 26.98 12.28 -20.59
C LEU B 167 27.65 13.24 -21.54
N GLN B 168 27.90 12.82 -22.79
CA GLN B 168 28.54 13.72 -23.78
C GLN B 168 27.72 14.99 -24.07
N LEU B 169 26.40 14.83 -24.08
CA LEU B 169 25.47 15.92 -24.39
C LEU B 169 25.27 16.88 -23.23
N ALA B 170 25.57 16.39 -22.02
CA ALA B 170 25.39 17.17 -20.83
C ALA B 170 26.54 18.15 -20.58
N GLN B 171 26.18 19.37 -20.20
CA GLN B 171 27.17 20.29 -19.62
C GLN B 171 27.39 20.05 -18.10
N ARG B 172 26.29 19.83 -17.38
CA ARG B 172 26.34 19.47 -15.96
C ARG B 172 26.91 18.06 -15.78
N PRO B 173 27.67 17.85 -14.71
CA PRO B 173 28.10 16.49 -14.35
C PRO B 173 26.83 15.61 -14.07
N VAL B 174 26.77 14.44 -14.70
CA VAL B 174 25.65 13.51 -14.48
C VAL B 174 26.03 12.44 -13.47
N SER B 175 25.11 12.16 -12.51
CA SER B 175 25.30 11.13 -11.48
C SER B 175 24.53 9.86 -11.83
N LEU B 176 25.20 8.70 -11.72
CA LEU B 176 24.55 7.42 -12.00
C LEU B 176 24.13 6.79 -10.73
N LEU B 177 22.96 6.17 -10.73
CA LEU B 177 22.46 5.52 -9.53
C LEU B 177 22.10 4.08 -9.93
N ALA B 178 22.58 3.06 -9.21
CA ALA B 178 22.24 1.67 -9.56
C ALA B 178 21.32 1.03 -8.55
N SER B 179 20.38 0.20 -9.01
CA SER B 179 19.41 -0.55 -8.12
C SER B 179 19.19 -1.92 -8.74
N PRO B 180 19.27 -3.00 -7.94
CA PRO B 180 18.93 -4.35 -8.39
C PRO B 180 17.46 -4.67 -8.10
N TRP B 181 16.86 -5.47 -8.97
CA TRP B 181 15.50 -5.97 -8.73
C TRP B 181 15.60 -7.36 -8.13
N THR B 182 16.31 -8.24 -8.82
CA THR B 182 16.51 -9.60 -8.31
C THR B 182 17.99 -9.96 -8.27
N SER B 183 18.31 -10.89 -7.37
CA SER B 183 19.58 -11.60 -7.37
C SER B 183 19.46 -12.77 -8.33
N PRO B 184 20.60 -13.41 -8.69
CA PRO B 184 20.56 -14.76 -9.28
C PRO B 184 19.65 -15.67 -8.49
N THR B 185 18.89 -16.51 -9.20
CA THR B 185 17.88 -17.34 -8.51
C THR B 185 18.51 -18.38 -7.55
N TRP B 186 19.78 -18.76 -7.77
CA TRP B 186 20.39 -19.80 -6.93
C TRP B 186 20.86 -19.23 -5.61
N LEU B 187 20.73 -17.91 -5.45
CA LEU B 187 20.96 -17.23 -4.15
C LEU B 187 19.69 -17.05 -3.35
N LYS B 188 18.58 -17.48 -3.93
CA LYS B 188 17.25 -17.15 -3.41
C LYS B 188 16.48 -18.35 -2.84
N THR B 189 15.74 -18.10 -1.77
CA THR B 189 15.00 -19.16 -1.04
C THR B 189 13.99 -19.87 -1.92
N ASN B 190 13.43 -19.12 -2.87
CA ASN B 190 12.40 -19.63 -3.79
C ASN B 190 12.92 -20.07 -5.16
N GLY B 191 14.19 -19.79 -5.46
CA GLY B 191 14.82 -20.19 -6.72
C GLY B 191 14.14 -19.65 -7.97
N ALA B 192 13.60 -18.43 -7.86
CA ALA B 192 12.89 -17.80 -9.01
C ALA B 192 13.12 -16.28 -8.97
N VAL B 193 13.03 -15.60 -10.11
CA VAL B 193 13.30 -14.15 -10.16
C VAL B 193 12.22 -13.37 -9.44
N ASN B 194 11.01 -13.91 -9.49
CA ASN B 194 9.82 -13.28 -8.95
C ASN B 194 9.25 -14.09 -7.77
N GLY B 195 8.08 -13.68 -7.29
CA GLY B 195 7.39 -14.37 -6.17
C GLY B 195 7.99 -13.99 -4.82
N LYS B 196 7.44 -14.55 -3.74
CA LYS B 196 7.96 -14.32 -2.40
C LYS B 196 9.26 -15.11 -2.16
N GLY B 197 10.32 -14.41 -1.77
CA GLY B 197 11.65 -15.04 -1.65
C GLY B 197 12.73 -14.02 -1.33
N SER B 198 13.67 -14.42 -0.50
CA SER B 198 14.77 -13.56 -0.13
C SER B 198 16.10 -14.27 -0.43
N LEU B 199 17.21 -13.69 -0.05
CA LEU B 199 18.46 -14.43 -0.11
C LEU B 199 18.33 -15.62 0.84
N LYS B 200 18.91 -16.74 0.47
CA LYS B 200 19.06 -17.87 1.40
C LYS B 200 19.96 -17.49 2.57
N GLY B 201 19.85 -18.25 3.67
CA GLY B 201 20.64 -18.06 4.87
C GLY B 201 20.39 -16.75 5.63
N GLN B 202 21.48 -16.15 6.08
CA GLN B 202 21.43 -14.96 6.89
C GLN B 202 22.59 -14.03 6.57
N PRO B 203 22.44 -12.72 6.84
CA PRO B 203 23.54 -11.82 6.66
C PRO B 203 24.82 -12.34 7.31
N GLY B 204 25.96 -12.02 6.68
CA GLY B 204 27.23 -12.58 7.11
C GLY B 204 27.60 -13.93 6.49
N ASP B 205 26.70 -14.56 5.73
CA ASP B 205 26.94 -15.92 5.23
C ASP B 205 27.36 -15.95 3.77
N ILE B 206 27.62 -17.14 3.24
CA ILE B 206 28.12 -17.26 1.87
C ILE B 206 27.17 -16.64 0.85
N TYR B 207 25.88 -16.81 1.02
CA TYR B 207 24.93 -16.27 0.02
C TYR B 207 24.90 -14.76 0.05
N HIS B 208 24.95 -14.22 1.25
CA HIS B 208 25.01 -12.79 1.49
C HIS B 208 26.35 -12.18 1.11
N GLN B 209 27.46 -12.88 1.38
CA GLN B 209 28.76 -12.36 0.95
CA GLN B 209 28.76 -12.34 0.94
C GLN B 209 28.86 -12.35 -0.58
N THR B 210 28.30 -13.39 -1.22
CA THR B 210 28.22 -13.43 -2.67
C THR B 210 27.42 -12.28 -3.27
N TRP B 211 26.24 -12.03 -2.71
CA TRP B 211 25.35 -10.96 -3.23
C TRP B 211 26.00 -9.55 -3.10
N ALA B 212 26.64 -9.29 -1.96
CA ALA B 212 27.41 -8.06 -1.79
C ALA B 212 28.55 -7.94 -2.84
N ARG B 213 29.19 -9.06 -3.14
CA ARG B 213 30.29 -9.12 -4.12
C ARG B 213 29.80 -8.76 -5.52
N TYR B 214 28.59 -9.21 -5.83
CA TYR B 214 27.94 -9.01 -7.11
C TYR B 214 27.76 -7.52 -7.40
N PHE B 215 27.51 -6.71 -6.37
CA PHE B 215 27.53 -5.22 -6.49
C PHE B 215 28.90 -4.70 -6.94
N VAL B 216 29.96 -5.18 -6.32
CA VAL B 216 31.32 -4.74 -6.60
C VAL B 216 31.66 -5.13 -8.05
N LYS B 217 31.26 -6.34 -8.43
CA LYS B 217 31.44 -6.85 -9.79
C LYS B 217 30.69 -6.04 -10.83
N PHE B 218 29.45 -5.70 -10.52
CA PHE B 218 28.68 -4.77 -11.36
C PHE B 218 29.42 -3.44 -11.60
N LEU B 219 29.92 -2.84 -10.52
CA LEU B 219 30.62 -1.56 -10.55
C LEU B 219 31.97 -1.71 -11.23
N ASP B 220 32.63 -2.85 -10.98
CA ASP B 220 33.82 -3.21 -11.80
C ASP B 220 33.52 -3.22 -13.30
N ALA B 221 32.44 -3.91 -13.68
CA ALA B 221 32.14 -4.07 -15.09
C ALA B 221 31.73 -2.75 -15.75
N TYR B 222 30.92 -1.93 -15.08
CA TYR B 222 30.62 -0.56 -15.56
C TYR B 222 31.90 0.31 -15.62
N ALA B 223 32.80 0.16 -14.64
CA ALA B 223 34.06 0.92 -14.64
C ALA B 223 34.96 0.54 -15.83
N GLU B 224 34.95 -0.74 -16.24
CA GLU B 224 35.64 -1.19 -17.48
C GLU B 224 35.18 -0.34 -18.67
N HIS B 225 33.89 0.00 -18.71
CA HIS B 225 33.33 0.84 -19.75
C HIS B 225 33.41 2.32 -19.44
N LYS B 226 34.19 2.65 -18.42
CA LYS B 226 34.46 4.03 -18.00
C LYS B 226 33.22 4.76 -17.55
N LEU B 227 32.33 4.05 -16.85
CA LEU B 227 31.18 4.65 -16.21
C LEU B 227 31.38 4.44 -14.72
N GLN B 228 31.14 5.50 -13.94
CA GLN B 228 31.19 5.39 -12.49
C GLN B 228 29.87 5.82 -11.85
N PHE B 229 29.61 5.29 -10.66
CA PHE B 229 28.37 5.50 -9.96
C PHE B 229 28.51 6.46 -8.79
N TRP B 230 27.54 7.35 -8.70
CA TRP B 230 27.41 8.21 -7.55
C TRP B 230 26.91 7.38 -6.36
N ALA B 231 25.94 6.51 -6.62
CA ALA B 231 25.29 5.77 -5.54
C ALA B 231 24.69 4.48 -6.04
N VAL B 232 24.47 3.57 -5.10
CA VAL B 232 23.65 2.39 -5.33
C VAL B 232 22.57 2.32 -4.26
N THR B 233 21.46 1.66 -4.55
CA THR B 233 20.48 1.38 -3.48
C THR B 233 20.66 -0.05 -3.06
N ALA B 234 20.22 -0.36 -1.84
CA ALA B 234 20.42 -1.68 -1.22
C ALA B 234 19.57 -2.78 -1.90
N GLU B 235 18.52 -2.38 -2.62
CA GLU B 235 17.58 -3.26 -3.31
C GLU B 235 16.43 -2.38 -3.76
N ASN B 236 15.95 -2.58 -4.99
CA ASN B 236 14.73 -1.95 -5.38
C ASN B 236 13.54 -2.57 -4.65
N GLU B 237 12.72 -1.72 -4.05
CA GLU B 237 11.53 -2.18 -3.31
C GLU B 237 11.66 -3.53 -2.62
N PRO B 238 12.48 -3.62 -1.52
CA PRO B 238 12.68 -4.85 -0.76
C PRO B 238 11.38 -5.46 -0.21
N SER B 239 10.39 -4.61 0.08
CA SER B 239 9.12 -5.16 0.58
C SER B 239 8.39 -6.03 -0.43
N ALA B 240 8.57 -5.75 -1.73
CA ALA B 240 7.94 -6.52 -2.82
C ALA B 240 8.14 -8.04 -2.75
N GLY B 241 9.37 -8.45 -2.42
CA GLY B 241 9.72 -9.87 -2.35
C GLY B 241 9.24 -10.50 -1.07
N LEU B 242 8.56 -9.72 -0.23
CA LEU B 242 7.81 -10.24 0.92
C LEU B 242 6.38 -10.63 0.56
N LEU B 243 6.01 -10.37 -0.70
CA LEU B 243 4.65 -10.51 -1.16
C LEU B 243 4.44 -11.77 -1.99
N SER B 244 3.52 -12.65 -1.54
CA SER B 244 3.23 -13.91 -2.22
C SER B 244 2.79 -13.60 -3.64
N GLY B 245 3.37 -14.33 -4.58
CA GLY B 245 3.10 -14.15 -5.99
C GLY B 245 3.55 -12.85 -6.65
N TYR B 246 4.40 -12.06 -6.00
CA TYR B 246 4.93 -10.86 -6.67
C TYR B 246 5.34 -11.17 -8.12
N PRO B 247 4.72 -10.46 -9.09
CA PRO B 247 4.73 -10.91 -10.48
C PRO B 247 6.05 -10.76 -11.25
N PHE B 248 7.01 -10.00 -10.75
CA PHE B 248 8.26 -9.84 -11.50
C PHE B 248 9.45 -9.73 -10.58
N GLN B 249 10.63 -9.45 -11.15
CA GLN B 249 11.92 -9.50 -10.42
C GLN B 249 11.83 -8.80 -9.08
N CYS B 250 12.21 -9.51 -8.01
CA CYS B 250 12.20 -8.90 -6.68
C CYS B 250 13.11 -9.67 -5.76
N LEU B 251 13.37 -9.12 -4.59
CA LEU B 251 14.20 -9.78 -3.59
C LEU B 251 13.80 -9.21 -2.28
N GLY B 252 13.23 -10.04 -1.42
CA GLY B 252 12.62 -9.49 -0.22
C GLY B 252 13.54 -9.33 0.95
N PHE B 253 13.41 -8.20 1.63
CA PHE B 253 14.10 -7.92 2.87
C PHE B 253 13.06 -7.27 3.80
N THR B 254 13.03 -7.72 5.05
CA THR B 254 12.44 -6.94 6.13
C THR B 254 13.46 -5.83 6.48
N PRO B 255 13.05 -4.82 7.29
CA PRO B 255 14.06 -3.81 7.62
C PRO B 255 15.21 -4.36 8.47
N GLU B 256 14.92 -5.35 9.32
CA GLU B 256 15.99 -6.02 10.09
C GLU B 256 17.01 -6.73 9.18
N HIS B 257 16.50 -7.40 8.14
CA HIS B 257 17.32 -8.17 7.19
C HIS B 257 18.21 -7.20 6.38
N GLN B 258 17.58 -6.13 5.90
CA GLN B 258 18.33 -5.08 5.23
C GLN B 258 19.38 -4.46 6.16
N ARG B 259 18.98 -4.10 7.39
CA ARG B 259 19.94 -3.64 8.41
C ARG B 259 21.19 -4.55 8.48
N ASP B 260 20.95 -5.84 8.70
CA ASP B 260 22.05 -6.80 8.96
C ASP B 260 22.90 -7.08 7.73
N PHE B 261 22.24 -7.14 6.55
CA PHE B 261 22.91 -7.27 5.27
C PHE B 261 23.86 -6.08 4.99
N ILE B 262 23.40 -4.86 5.22
CA ILE B 262 24.25 -3.67 5.07
C ILE B 262 25.41 -3.65 6.10
N ALA B 263 25.10 -3.87 7.37
CA ALA B 263 26.15 -3.96 8.43
C ALA B 263 27.25 -5.02 8.18
N ARG B 264 26.84 -6.22 7.79
CA ARG B 264 27.77 -7.36 7.70
C ARG B 264 28.41 -7.54 6.36
N ASP B 265 27.62 -7.35 5.30
CA ASP B 265 27.99 -7.73 3.97
C ASP B 265 28.21 -6.56 3.00
N LEU B 266 27.13 -5.83 2.68
CA LEU B 266 27.15 -4.84 1.59
C LEU B 266 28.05 -3.65 1.93
N GLY B 267 27.85 -3.10 3.12
CA GLY B 267 28.67 -2.00 3.60
C GLY B 267 30.17 -2.26 3.62
N PRO B 268 30.61 -3.27 4.40
CA PRO B 268 32.05 -3.60 4.41
C PRO B 268 32.64 -3.97 3.05
N THR B 269 31.86 -4.65 2.22
CA THR B 269 32.31 -5.07 0.91
C THR B 269 32.58 -3.86 -0.01
N LEU B 270 31.65 -2.90 -0.02
CA LEU B 270 31.81 -1.66 -0.80
C LEU B 270 33.00 -0.83 -0.27
N ALA B 271 33.04 -0.64 1.04
CA ALA B 271 34.11 0.10 1.73
C ALA B 271 35.52 -0.45 1.45
N ASN B 272 35.63 -1.76 1.31
CA ASN B 272 36.90 -2.42 1.05
C ASN B 272 37.25 -2.52 -0.46
N SER B 273 36.43 -1.96 -1.34
CA SER B 273 36.70 -2.03 -2.77
C SER B 273 37.22 -0.69 -3.30
N THR B 274 37.61 -0.66 -4.57
CA THR B 274 38.01 0.59 -5.21
C THR B 274 36.79 1.50 -5.36
N HIS B 275 35.60 0.95 -5.04
CA HIS B 275 34.32 1.67 -5.17
C HIS B 275 33.85 2.29 -3.87
N HIS B 276 34.77 2.50 -2.95
CA HIS B 276 34.43 2.97 -1.60
C HIS B 276 33.72 4.34 -1.55
N ASN B 277 33.89 5.18 -2.58
CA ASN B 277 33.26 6.50 -2.59
C ASN B 277 31.84 6.47 -3.18
N VAL B 278 31.42 5.32 -3.74
CA VAL B 278 30.05 5.12 -4.18
C VAL B 278 29.17 5.12 -2.90
N ARG B 279 28.16 6.01 -2.87
CA ARG B 279 27.20 6.12 -1.77
C ARG B 279 26.17 4.99 -1.79
N LEU B 280 25.73 4.57 -0.60
CA LEU B 280 24.72 3.52 -0.48
C LEU B 280 23.46 4.15 0.06
N LEU B 281 22.37 3.94 -0.67
CA LEU B 281 21.03 4.41 -0.26
C LEU B 281 20.18 3.23 0.21
N MET B 282 19.54 3.37 1.36
CA MET B 282 18.68 2.32 1.92
C MET B 282 17.21 2.53 1.48
N LEU B 283 16.37 1.54 1.75
CA LEU B 283 14.92 1.55 1.48
C LEU B 283 14.54 1.36 0.01
N ASP B 284 14.60 2.43 -0.77
CA ASP B 284 14.27 2.40 -2.20
C ASP B 284 12.89 1.78 -2.30
N ASP B 285 11.97 2.42 -1.58
CA ASP B 285 10.66 1.85 -1.37
C ASP B 285 9.67 2.94 -0.90
N GLN B 286 8.42 2.52 -0.70
CA GLN B 286 7.34 3.46 -0.37
C GLN B 286 7.61 4.24 0.88
N ARG B 287 7.42 5.56 0.81
CA ARG B 287 7.70 6.43 1.97
C ARG B 287 6.90 6.08 3.25
N LEU B 288 5.79 5.34 3.14
CA LEU B 288 5.01 4.93 4.34
C LEU B 288 5.86 4.05 5.26
N LEU B 289 6.93 3.47 4.69
CA LEU B 289 7.88 2.64 5.44
C LEU B 289 8.79 3.42 6.36
N LEU B 290 8.68 4.76 6.32
CA LEU B 290 9.36 5.70 7.21
C LEU B 290 8.38 6.30 8.25
N PRO B 291 8.87 6.63 9.48
CA PRO B 291 10.28 6.53 9.87
C PRO B 291 10.75 5.14 10.32
N HIS B 292 9.83 4.17 10.42
CA HIS B 292 10.19 2.82 10.94
C HIS B 292 11.46 2.18 10.30
N TRP B 293 11.58 2.17 8.97
CA TRP B 293 12.75 1.50 8.40
C TRP B 293 14.04 2.19 8.75
N ALA B 294 13.96 3.52 8.83
CA ALA B 294 15.08 4.36 9.22
C ALA B 294 15.54 4.06 10.65
N LYS B 295 14.58 3.96 11.58
CA LYS B 295 14.85 3.60 12.96
C LYS B 295 15.53 2.22 13.01
N VAL B 296 14.94 1.22 12.35
CA VAL B 296 15.51 -0.14 12.38
C VAL B 296 16.97 -0.15 11.87
N VAL B 297 17.20 0.43 10.70
CA VAL B 297 18.54 0.38 10.09
C VAL B 297 19.54 1.30 10.81
N LEU B 298 19.14 2.58 10.98
CA LEU B 298 20.06 3.62 11.46
C LEU B 298 20.32 3.69 12.96
N THR B 299 19.51 3.00 13.77
CA THR B 299 19.85 2.92 15.19
C THR B 299 20.92 1.83 15.47
N ASP B 300 21.21 0.97 14.49
CA ASP B 300 22.36 0.06 14.53
C ASP B 300 23.64 0.75 14.03
N PRO B 301 24.60 1.00 14.94
CA PRO B 301 25.85 1.71 14.61
C PRO B 301 26.65 1.13 13.44
N GLU B 302 26.65 -0.21 13.33
CA GLU B 302 27.34 -0.89 12.24
C GLU B 302 26.72 -0.69 10.86
N ALA B 303 25.39 -0.64 10.79
CA ALA B 303 24.72 -0.34 9.52
C ALA B 303 24.81 1.17 9.21
N ALA B 304 24.63 1.99 10.24
CA ALA B 304 24.50 3.44 10.08
C ALA B 304 25.74 4.01 9.43
N LYS B 305 26.90 3.40 9.71
CA LYS B 305 28.15 3.96 9.24
C LYS B 305 28.35 3.84 7.73
N TYR B 306 27.58 2.96 7.10
CA TYR B 306 27.57 2.71 5.64
C TYR B 306 26.42 3.35 4.87
N VAL B 307 25.44 3.89 5.58
CA VAL B 307 24.22 4.41 4.94
C VAL B 307 24.30 5.93 4.74
N HIS B 308 24.37 6.33 3.47
CA HIS B 308 24.49 7.73 3.11
C HIS B 308 23.11 8.41 3.08
N GLY B 309 22.12 7.71 2.58
CA GLY B 309 20.83 8.33 2.45
C GLY B 309 19.71 7.33 2.33
N ILE B 310 18.50 7.84 2.15
CA ILE B 310 17.33 7.00 2.11
C ILE B 310 16.61 7.28 0.78
N ALA B 311 16.34 6.25 -0.03
CA ALA B 311 15.63 6.45 -1.27
C ALA B 311 14.13 6.13 -1.11
N VAL B 312 13.26 6.93 -1.72
CA VAL B 312 11.83 6.68 -1.57
C VAL B 312 11.12 6.64 -2.92
N HIS B 313 10.07 5.82 -2.99
CA HIS B 313 9.17 5.71 -4.13
C HIS B 313 7.85 6.37 -3.76
N TRP B 314 7.11 6.78 -4.79
CA TRP B 314 5.95 7.65 -4.59
C TRP B 314 4.60 6.94 -4.67
N TYR B 315 4.60 5.64 -4.93
CA TYR B 315 3.39 4.94 -5.38
C TYR B 315 2.24 4.86 -4.38
N LEU B 316 2.59 4.87 -3.09
CA LEU B 316 1.57 4.88 -2.05
C LEU B 316 1.64 6.16 -1.21
N ASP B 317 1.91 7.29 -1.85
CA ASP B 317 2.04 8.55 -1.11
C ASP B 317 0.69 8.99 -0.48
N PHE B 318 -0.42 8.56 -1.06
CA PHE B 318 -1.77 8.89 -0.53
C PHE B 318 -1.93 8.28 0.86
N LEU B 319 -1.15 7.25 1.15
CA LEU B 319 -1.22 6.58 2.45
C LEU B 319 -0.21 7.18 3.44
N ALA B 320 0.60 8.12 2.97
CA ALA B 320 1.75 8.53 3.78
C ALA B 320 1.93 10.05 3.82
N PRO B 321 1.26 10.73 4.79
CA PRO B 321 1.50 12.18 4.89
C PRO B 321 2.97 12.54 5.05
N ALA B 322 3.40 13.51 4.25
CA ALA B 322 4.80 13.88 4.16
C ALA B 322 5.42 14.20 5.51
N LYS B 323 4.66 14.91 6.37
CA LYS B 323 5.18 15.33 7.67
C LYS B 323 5.42 14.13 8.61
N ALA B 324 4.50 13.17 8.64
CA ALA B 324 4.67 12.00 9.50
C ALA B 324 5.76 11.03 9.02
N THR B 325 6.20 11.18 7.76
CA THR B 325 7.08 10.17 7.16
C THR B 325 8.42 10.81 6.83
N LEU B 326 8.45 11.60 5.76
CA LEU B 326 9.66 12.35 5.41
C LEU B 326 10.07 13.33 6.55
N GLY B 327 9.11 14.12 7.07
CA GLY B 327 9.38 15.16 8.10
C GLY B 327 10.01 14.56 9.35
N GLU B 328 9.42 13.46 9.81
CA GLU B 328 9.84 12.77 11.02
C GLU B 328 11.20 12.08 10.89
N THR B 329 11.43 11.48 9.72
CA THR B 329 12.71 10.83 9.39
C THR B 329 13.82 11.87 9.39
N HIS B 330 13.55 13.03 8.79
CA HIS B 330 14.49 14.11 8.82
C HIS B 330 14.76 14.58 10.26
N ARG B 331 13.71 14.62 11.09
CA ARG B 331 13.88 15.16 12.42
C ARG B 331 14.75 14.23 13.26
N LEU B 332 14.51 12.92 13.12
CA LEU B 332 15.28 11.86 13.79
C LEU B 332 16.69 11.67 13.25
N PHE B 333 16.85 11.73 11.93
CA PHE B 333 18.16 11.54 11.26
C PHE B 333 18.49 12.62 10.26
N PRO B 334 18.76 13.83 10.73
CA PRO B 334 18.88 14.96 9.79
C PRO B 334 20.16 14.90 8.90
N ASN B 335 21.09 14.03 9.28
CA ASN B 335 22.33 13.87 8.53
C ASN B 335 22.23 12.82 7.42
N THR B 336 21.10 12.12 7.38
CA THR B 336 20.88 11.11 6.35
C THR B 336 19.92 11.71 5.31
N MET B 337 20.43 11.99 4.10
CA MET B 337 19.59 12.63 3.08
C MET B 337 18.44 11.75 2.61
N LEU B 338 17.34 12.41 2.24
CA LEU B 338 16.18 11.73 1.66
C LEU B 338 16.16 12.05 0.17
N PHE B 339 15.87 11.05 -0.64
CA PHE B 339 16.01 11.14 -2.11
C PHE B 339 14.87 10.38 -2.76
N ALA B 340 14.14 11.01 -3.68
CA ALA B 340 13.09 10.30 -4.40
C ALA B 340 13.68 9.59 -5.65
N SER B 341 13.59 8.27 -5.67
CA SER B 341 14.35 7.50 -6.63
C SER B 341 13.50 6.83 -7.74
N GLU B 342 12.17 6.88 -7.62
CA GLU B 342 11.28 6.25 -8.60
C GLU B 342 9.83 6.72 -8.55
N ALA B 343 9.29 7.11 -9.70
CA ALA B 343 7.89 7.49 -9.83
C ALA B 343 7.44 7.24 -11.25
N CYS B 344 6.18 6.87 -11.44
CA CYS B 344 5.55 6.97 -12.78
C CYS B 344 4.06 6.97 -12.56
N VAL B 345 3.31 7.48 -13.53
CA VAL B 345 1.84 7.44 -13.52
C VAL B 345 1.38 6.26 -14.38
N GLY B 346 0.12 5.85 -14.21
CA GLY B 346 -0.40 4.78 -15.07
C GLY B 346 -0.22 3.37 -14.54
N SER B 347 0.36 3.23 -13.35
CA SER B 347 0.71 1.89 -12.87
C SER B 347 -0.38 1.23 -12.02
N LYS B 348 -1.44 1.96 -11.66
CA LYS B 348 -2.59 1.35 -10.95
C LYS B 348 -3.37 0.53 -11.97
N PHE B 349 -3.92 -0.59 -11.52
CA PHE B 349 -4.59 -1.54 -12.41
C PHE B 349 -5.77 -0.95 -13.21
N TRP B 350 -6.50 -0.04 -12.57
CA TRP B 350 -7.64 0.63 -13.18
C TRP B 350 -7.29 1.82 -14.06
N GLU B 351 -6.01 2.20 -14.10
CA GLU B 351 -5.55 3.37 -14.87
C GLU B 351 -5.14 3.01 -16.29
N GLN B 352 -5.44 3.91 -17.22
CA GLN B 352 -4.93 3.78 -18.57
C GLN B 352 -3.40 3.97 -18.47
N SER B 353 -2.65 3.08 -19.11
CA SER B 353 -1.19 3.14 -19.03
C SER B 353 -0.60 4.46 -19.54
N VAL B 354 -0.90 4.81 -20.79
CA VAL B 354 -0.43 6.04 -21.46
C VAL B 354 -1.64 6.93 -21.81
N ARG B 355 -1.61 8.18 -21.34
CA ARG B 355 -2.62 9.16 -21.70
C ARG B 355 -1.95 10.31 -22.36
N LEU B 356 -1.74 10.22 -23.68
CA LEU B 356 -0.93 11.23 -24.37
C LEU B 356 -1.46 12.67 -24.23
N GLY B 357 -0.69 13.52 -23.53
CA GLY B 357 -1.02 14.94 -23.36
C GLY B 357 -1.78 15.24 -22.10
N SER B 358 -1.80 14.26 -21.20
CA SER B 358 -2.46 14.40 -19.90
C SER B 358 -1.80 15.47 -19.03
N TRP B 359 -2.60 16.48 -18.71
CA TRP B 359 -2.13 17.58 -17.92
C TRP B 359 -2.15 17.17 -16.44
N ASP B 360 -3.16 16.39 -16.05
CA ASP B 360 -3.25 15.82 -14.72
C ASP B 360 -1.94 15.08 -14.34
N ARG B 361 -1.45 14.23 -15.24
CA ARG B 361 -0.22 13.51 -14.98
C ARG B 361 1.01 14.40 -14.81
N GLY B 362 1.12 15.47 -15.62
CA GLY B 362 2.07 16.53 -15.33
C GLY B 362 1.95 17.16 -13.95
N MET B 363 0.74 17.56 -13.56
CA MET B 363 0.50 18.12 -12.23
C MET B 363 0.86 17.17 -11.08
N GLN B 364 0.61 15.86 -11.28
CA GLN B 364 1.06 14.83 -10.34
C GLN B 364 2.57 14.85 -10.10
N TYR B 365 3.36 14.92 -11.17
CA TYR B 365 4.83 15.02 -11.00
C TYR B 365 5.26 16.27 -10.26
N SER B 366 4.75 17.45 -10.66
CA SER B 366 5.24 18.71 -10.05
C SER B 366 4.74 18.87 -8.64
N HIS B 367 3.49 18.45 -8.38
CA HIS B 367 3.00 18.37 -7.01
C HIS B 367 3.87 17.52 -6.07
N SER B 368 4.26 16.35 -6.55
CA SER B 368 5.13 15.44 -5.80
C SER B 368 6.48 16.12 -5.58
N ILE B 369 7.06 16.67 -6.64
CA ILE B 369 8.38 17.30 -6.54
C ILE B 369 8.38 18.42 -5.50
N ILE B 370 7.44 19.36 -5.61
CA ILE B 370 7.27 20.42 -4.61
C ILE B 370 7.14 19.87 -3.19
N THR B 371 6.26 18.89 -2.96
CA THR B 371 6.03 18.35 -1.62
C THR B 371 7.28 17.68 -1.07
N ASN B 372 7.99 16.93 -1.93
CA ASN B 372 9.27 16.31 -1.55
C ASN B 372 10.29 17.36 -1.15
N LEU B 373 10.42 18.39 -1.98
CA LEU B 373 11.32 19.50 -1.71
C LEU B 373 10.98 20.21 -0.41
N LEU B 374 9.70 20.34 -0.11
CA LEU B 374 9.24 21.02 1.12
C LEU B 374 9.49 20.15 2.34
N TYR B 375 9.77 18.86 2.12
CA TYR B 375 10.11 17.96 3.25
C TYR B 375 11.48 17.31 3.13
N HIS B 376 12.45 18.14 2.74
CA HIS B 376 13.92 17.87 2.83
C HIS B 376 14.53 16.94 1.79
N VAL B 377 13.72 16.49 0.83
CA VAL B 377 14.22 15.57 -0.22
C VAL B 377 15.16 16.32 -1.18
N VAL B 378 16.32 15.67 -1.46
CA VAL B 378 17.43 16.28 -2.20
C VAL B 378 17.35 16.08 -3.72
N GLY B 379 16.44 15.22 -4.16
CA GLY B 379 16.39 14.93 -5.58
C GLY B 379 15.20 14.11 -5.95
N TRP B 380 14.91 14.03 -7.24
CA TRP B 380 13.66 13.35 -7.66
C TRP B 380 13.92 12.68 -9.01
N THR B 381 13.61 11.40 -9.06
CA THR B 381 13.94 10.56 -10.21
C THR B 381 12.69 9.90 -10.77
N ASP B 382 12.41 10.20 -12.05
CA ASP B 382 11.46 9.53 -12.90
C ASP B 382 11.86 8.05 -13.18
N TRP B 383 10.88 7.26 -13.57
CA TRP B 383 11.09 5.86 -13.97
C TRP B 383 11.55 5.88 -15.47
N ASN B 384 11.05 4.97 -16.31
CA ASN B 384 11.48 4.89 -17.70
C ASN B 384 11.63 6.23 -18.44
N LEU B 385 12.83 6.49 -19.01
CA LEU B 385 13.03 7.76 -19.73
C LEU B 385 12.12 7.89 -20.96
N ALA B 386 11.75 6.75 -21.55
CA ALA B 386 10.89 6.70 -22.72
C ALA B 386 10.17 5.35 -22.77
N LEU B 387 8.95 5.36 -23.29
CA LEU B 387 8.18 4.14 -23.55
C LEU B 387 7.48 4.27 -24.90
N ASN B 388 6.93 3.15 -25.40
CA ASN B 388 6.11 3.15 -26.60
C ASN B 388 4.65 3.55 -26.23
N PRO B 389 3.81 3.83 -27.23
CA PRO B 389 2.45 4.25 -26.95
C PRO B 389 1.60 3.26 -26.15
N GLU B 390 2.01 2.00 -26.10
CA GLU B 390 1.38 1.01 -25.22
C GLU B 390 1.87 1.08 -23.76
N GLY B 391 3.01 1.75 -23.52
CA GLY B 391 3.58 1.88 -22.17
C GLY B 391 4.60 0.83 -21.91
N GLY B 392 5.16 0.28 -23.00
CA GLY B 392 6.16 -0.77 -22.86
C GLY B 392 7.41 -0.56 -23.71
N PRO B 393 8.14 -1.66 -24.00
CA PRO B 393 7.82 -3.06 -23.65
C PRO B 393 8.04 -3.41 -22.16
N ASN B 394 7.42 -4.50 -21.72
CA ASN B 394 7.46 -4.96 -20.34
C ASN B 394 7.05 -6.44 -20.36
N TRP B 395 7.92 -7.34 -19.85
CA TRP B 395 7.76 -8.79 -20.07
C TRP B 395 6.58 -9.36 -19.29
N VAL B 396 6.10 -8.62 -18.27
CA VAL B 396 4.85 -8.99 -17.60
C VAL B 396 3.65 -8.12 -17.98
N ARG B 397 3.77 -7.36 -19.06
CA ARG B 397 2.71 -6.43 -19.51
C ARG B 397 2.31 -5.42 -18.44
N ASN B 398 3.27 -5.04 -17.59
CA ASN B 398 2.98 -4.09 -16.50
C ASN B 398 3.23 -2.65 -17.04
N PHE B 399 2.41 -2.25 -18.03
CA PHE B 399 2.66 -1.02 -18.81
C PHE B 399 2.29 0.23 -18.01
N VAL B 400 3.10 1.30 -18.13
CA VAL B 400 2.83 2.57 -17.44
C VAL B 400 3.05 3.72 -18.40
N ASP B 401 2.99 4.95 -17.88
CA ASP B 401 3.24 6.12 -18.70
C ASP B 401 4.69 6.58 -18.54
N SER B 402 5.14 7.42 -19.47
CA SER B 402 6.49 8.01 -19.46
C SER B 402 6.39 9.43 -19.97
N PRO B 403 7.28 10.33 -19.51
CA PRO B 403 7.28 11.70 -20.07
C PRO B 403 7.57 11.80 -21.56
N ILE B 404 8.29 10.83 -22.13
CA ILE B 404 8.44 10.78 -23.60
C ILE B 404 7.96 9.45 -24.16
N ILE B 405 7.16 9.53 -25.23
CA ILE B 405 6.56 8.36 -25.85
C ILE B 405 7.08 8.28 -27.28
N VAL B 406 7.76 7.19 -27.60
CA VAL B 406 8.34 6.96 -28.93
C VAL B 406 7.31 6.21 -29.84
N ASP B 407 7.00 6.80 -30.99
CA ASP B 407 6.26 6.12 -32.03
C ASP B 407 7.13 5.72 -33.21
N ILE B 408 7.66 4.51 -33.15
CA ILE B 408 8.64 3.96 -34.12
C ILE B 408 8.14 4.00 -35.59
N THR B 409 6.86 3.74 -35.80
CA THR B 409 6.31 3.74 -37.16
C THR B 409 6.31 5.11 -37.79
N LYS B 410 6.65 6.14 -37.01
CA LYS B 410 6.65 7.50 -37.53
C LYS B 410 8.00 8.18 -37.34
N ASP B 411 8.99 7.44 -36.85
CA ASP B 411 10.24 8.02 -36.38
C ASP B 411 9.95 9.35 -35.64
N THR B 412 8.97 9.33 -34.72
CA THR B 412 8.66 10.51 -33.90
C THR B 412 8.61 10.17 -32.42
N PHE B 413 8.86 11.17 -31.60
CA PHE B 413 8.61 11.06 -30.17
C PHE B 413 7.78 12.26 -29.69
N TYR B 414 7.02 12.03 -28.61
CA TYR B 414 6.09 12.97 -28.05
C TYR B 414 6.52 13.33 -26.63
N LYS B 415 6.73 14.63 -26.39
CA LYS B 415 6.99 15.08 -25.02
C LYS B 415 5.70 15.50 -24.33
N GLN B 416 5.44 14.83 -23.21
CA GLN B 416 4.21 14.99 -22.47
C GLN B 416 4.33 16.10 -21.45
N PRO B 417 3.18 16.60 -20.96
CA PRO B 417 3.25 17.57 -19.87
C PRO B 417 4.20 17.13 -18.72
N MET B 418 4.34 15.83 -18.46
CA MET B 418 5.25 15.38 -17.36
C MET B 418 6.69 15.82 -17.62
N PHE B 419 7.11 15.78 -18.90
CA PHE B 419 8.42 16.29 -19.30
C PHE B 419 8.61 17.75 -18.88
N TYR B 420 7.61 18.61 -19.21
CA TYR B 420 7.72 20.03 -18.94
C TYR B 420 7.57 20.34 -17.46
N HIS B 421 6.70 19.60 -16.77
CA HIS B 421 6.54 19.76 -15.32
C HIS B 421 7.84 19.44 -14.61
N LEU B 422 8.49 18.35 -15.03
CA LEU B 422 9.78 17.98 -14.43
C LEU B 422 10.85 19.02 -14.82
N GLY B 423 10.79 19.53 -16.07
CA GLY B 423 11.75 20.51 -16.53
C GLY B 423 11.70 21.84 -15.83
N HIS B 424 10.52 22.21 -15.31
CA HIS B 424 10.39 23.44 -14.52
C HIS B 424 11.27 23.45 -13.26
N PHE B 425 11.69 22.25 -12.86
CA PHE B 425 12.59 22.03 -11.71
C PHE B 425 13.97 21.75 -12.22
N SER B 426 14.11 20.75 -13.09
CA SER B 426 15.43 20.21 -13.38
C SER B 426 16.30 21.22 -14.14
N LYS B 427 15.66 21.98 -15.03
CA LYS B 427 16.37 22.99 -15.82
C LYS B 427 16.95 24.12 -14.96
N PHE B 428 16.19 24.48 -13.93
CA PHE B 428 16.46 25.70 -13.16
C PHE B 428 17.07 25.49 -11.76
N ILE B 429 17.11 24.25 -11.31
CA ILE B 429 17.59 23.94 -9.94
C ILE B 429 18.79 23.00 -10.09
N PRO B 430 20.01 23.53 -10.36
CA PRO B 430 21.12 22.60 -10.51
C PRO B 430 21.58 21.99 -9.17
N GLU B 431 22.38 20.93 -9.26
CA GLU B 431 23.09 20.38 -8.09
C GLU B 431 23.74 21.48 -7.25
N GLY B 432 23.54 21.41 -5.94
CA GLY B 432 24.06 22.41 -5.02
C GLY B 432 23.08 23.55 -4.70
N SER B 433 21.93 23.59 -5.35
CA SER B 433 20.91 24.60 -5.02
C SER B 433 20.43 24.30 -3.64
N GLN B 434 20.00 25.32 -2.91
CA GLN B 434 19.58 25.08 -1.55
C GLN B 434 18.16 25.54 -1.39
N ARG B 435 17.27 24.69 -0.86
CA ARG B 435 15.91 25.13 -0.53
C ARG B 435 15.92 26.13 0.65
N VAL B 436 15.17 27.21 0.49
CA VAL B 436 15.04 28.24 1.51
C VAL B 436 13.58 28.42 1.94
N GLY B 437 13.37 29.23 2.99
CA GLY B 437 12.02 29.52 3.42
C GLY B 437 11.13 30.24 2.40
N LEU B 438 9.86 29.85 2.38
CA LEU B 438 8.83 30.56 1.63
C LEU B 438 7.53 30.52 2.39
N VAL B 439 7.04 31.69 2.79
CA VAL B 439 5.82 31.75 3.58
C VAL B 439 4.67 32.46 2.80
N ALA B 440 3.44 31.99 3.03
CA ALA B 440 2.26 32.58 2.43
C ALA B 440 1.59 33.50 3.47
N SER B 441 1.04 34.63 3.02
CA SER B 441 0.30 35.57 3.89
C SER B 441 -1.12 35.10 4.22
N GLN B 442 -1.63 34.15 3.44
CA GLN B 442 -2.97 33.59 3.62
C GLN B 442 -3.07 32.19 3.04
N LYS B 443 -4.05 31.44 3.54
CA LYS B 443 -4.48 30.15 2.96
C LYS B 443 -4.69 30.30 1.45
N ASN B 444 -4.16 29.33 0.70
CA ASN B 444 -4.17 29.37 -0.76
C ASN B 444 -4.10 27.95 -1.35
N ASP B 445 -4.50 27.81 -2.60
CA ASP B 445 -4.56 26.51 -3.32
C ASP B 445 -3.31 26.23 -4.14
N LEU B 446 -2.26 27.02 -3.96
CA LEU B 446 -1.06 26.90 -4.79
C LEU B 446 -0.04 25.98 -4.12
N ASP B 447 0.79 25.32 -4.94
CA ASP B 447 1.98 24.67 -4.40
C ASP B 447 3.18 25.49 -4.86
N ALA B 448 4.10 25.75 -3.93
CA ALA B 448 5.23 26.63 -4.21
C ALA B 448 6.41 26.24 -3.36
N VAL B 449 7.61 26.43 -3.92
CA VAL B 449 8.85 26.15 -3.24
C VAL B 449 9.85 27.20 -3.72
N ALA B 450 10.71 27.66 -2.81
CA ALA B 450 11.77 28.61 -3.13
C ALA B 450 13.15 28.01 -2.90
N LEU B 451 14.09 28.20 -3.87
CA LEU B 451 15.48 27.79 -3.65
C LEU B 451 16.48 28.85 -4.00
N MET B 452 17.69 28.74 -3.46
CA MET B 452 18.81 29.58 -3.91
CA MET B 452 18.82 29.57 -3.90
C MET B 452 19.78 28.78 -4.78
N HIS B 453 19.98 29.26 -6.00
CA HIS B 453 20.93 28.74 -6.96
C HIS B 453 22.33 28.89 -6.30
N PRO B 454 23.31 28.01 -6.64
CA PRO B 454 24.71 28.14 -6.13
C PRO B 454 25.34 29.54 -6.37
N ASP B 455 24.91 30.21 -7.44
CA ASP B 455 25.34 31.58 -7.74
C ASP B 455 24.68 32.69 -6.90
N GLY B 456 23.73 32.28 -6.05
CA GLY B 456 23.07 33.21 -5.12
C GLY B 456 21.73 33.71 -5.64
N SER B 457 21.41 33.41 -6.89
CA SER B 457 20.13 33.83 -7.49
C SER B 457 18.95 32.98 -6.96
N ALA B 458 17.76 33.51 -7.12
CA ALA B 458 16.57 32.86 -6.61
C ALA B 458 15.83 32.03 -7.66
N VAL B 459 15.21 30.94 -7.21
CA VAL B 459 14.30 30.14 -8.03
C VAL B 459 13.03 29.86 -7.22
N VAL B 460 11.87 30.17 -7.80
CA VAL B 460 10.60 29.85 -7.16
C VAL B 460 9.72 29.14 -8.22
N VAL B 461 9.19 28.00 -7.83
CA VAL B 461 8.29 27.27 -8.70
C VAL B 461 6.90 27.40 -8.08
N VAL B 462 5.94 27.78 -8.91
CA VAL B 462 4.55 27.92 -8.46
C VAL B 462 3.61 27.07 -9.31
N LEU B 463 2.94 26.10 -8.68
CA LEU B 463 2.00 25.26 -9.40
C LEU B 463 0.60 25.60 -8.96
N ASN B 464 -0.27 25.78 -9.93
CA ASN B 464 -1.69 25.98 -9.69
C ASN B 464 -2.47 24.80 -10.27
N ARG B 465 -2.93 23.92 -9.39
CA ARG B 465 -3.73 22.74 -9.80
C ARG B 465 -5.22 23.02 -9.78
N SER B 466 -5.59 24.27 -9.50
CA SER B 466 -6.98 24.65 -9.44
C SER B 466 -7.39 25.23 -10.79
N SER B 467 -8.69 25.36 -11.02
CA SER B 467 -9.16 25.96 -12.26
C SER B 467 -9.19 27.48 -12.21
N LYS B 468 -8.80 28.08 -11.10
CA LYS B 468 -8.92 29.54 -11.01
C LYS B 468 -7.58 30.31 -10.94
N ASP B 469 -7.50 31.38 -11.73
CA ASP B 469 -6.40 32.30 -11.71
C ASP B 469 -6.26 32.90 -10.33
N VAL B 470 -5.03 32.88 -9.83
CA VAL B 470 -4.70 33.47 -8.54
C VAL B 470 -3.62 34.59 -8.72
N PRO B 471 -4.04 35.87 -8.52
CA PRO B 471 -3.08 36.96 -8.55
C PRO B 471 -2.19 36.79 -7.34
N LEU B 472 -0.90 37.04 -7.48
CA LEU B 472 -0.01 36.93 -6.34
C LEU B 472 1.20 37.82 -6.48
N THR B 473 1.83 38.02 -5.34
CA THR B 473 3.05 38.82 -5.23
C THR B 473 4.11 37.95 -4.56
N ILE B 474 5.34 38.00 -5.08
CA ILE B 474 6.44 37.34 -4.40
C ILE B 474 7.32 38.42 -3.80
N LYS B 475 7.57 38.32 -2.50
CA LYS B 475 8.52 39.24 -1.86
C LYS B 475 9.90 38.63 -1.56
N ASP B 476 10.93 39.27 -2.09
CA ASP B 476 12.30 38.99 -1.70
C ASP B 476 12.82 40.23 -0.98
N PRO B 477 13.12 40.12 0.33
CA PRO B 477 13.51 41.29 1.13
C PRO B 477 14.81 41.97 0.64
N ALA B 478 15.63 41.25 -0.12
CA ALA B 478 16.87 41.83 -0.67
C ALA B 478 16.61 42.74 -1.86
N VAL B 479 15.60 42.39 -2.66
CA VAL B 479 15.48 43.00 -3.98
C VAL B 479 14.17 43.74 -4.18
N GLY B 480 13.09 43.25 -3.58
CA GLY B 480 11.76 43.79 -3.83
C GLY B 480 10.65 42.77 -4.11
N PHE B 481 9.67 43.22 -4.89
CA PHE B 481 8.42 42.51 -5.12
C PHE B 481 8.18 42.23 -6.60
N LEU B 482 7.73 41.01 -6.88
CA LEU B 482 7.33 40.59 -8.21
C LEU B 482 5.83 40.55 -8.16
N GLU B 483 5.16 41.27 -9.05
CA GLU B 483 3.71 41.23 -9.12
C GLU B 483 3.36 40.31 -10.27
N THR B 484 2.66 39.22 -9.97
CA THR B 484 2.38 38.23 -11.00
C THR B 484 0.97 37.64 -10.88
N ILE B 485 0.71 36.60 -11.66
CA ILE B 485 -0.57 35.90 -11.63
C ILE B 485 -0.26 34.43 -11.92
N SER B 486 -0.88 33.54 -11.16
CA SER B 486 -0.78 32.10 -11.38
C SER B 486 -2.10 31.63 -12.00
N PRO B 487 -2.15 31.51 -13.33
CA PRO B 487 -3.35 31.04 -14.00
C PRO B 487 -3.72 29.63 -13.58
N GLY B 488 -5.02 29.36 -13.58
CA GLY B 488 -5.56 28.03 -13.31
C GLY B 488 -4.83 27.06 -14.23
N TYR B 489 -4.44 25.92 -13.67
CA TYR B 489 -3.79 24.87 -14.49
C TYR B 489 -2.52 25.38 -15.20
N SER B 490 -1.61 25.94 -14.39
CA SER B 490 -0.33 26.42 -14.91
C SER B 490 0.78 26.01 -13.94
N ILE B 491 2.02 26.10 -14.43
CA ILE B 491 3.20 26.02 -13.57
C ILE B 491 4.15 27.08 -14.11
N HIS B 492 4.75 27.83 -13.18
CA HIS B 492 5.74 28.83 -13.50
C HIS B 492 6.97 28.55 -12.72
N THR B 493 8.11 28.87 -13.32
CA THR B 493 9.37 29.01 -12.59
C THR B 493 9.84 30.45 -12.76
N TYR B 494 10.08 31.09 -11.63
CA TYR B 494 10.51 32.48 -11.53
C TYR B 494 11.99 32.48 -11.19
N LEU B 495 12.74 33.32 -11.90
CA LEU B 495 14.18 33.44 -11.67
C LEU B 495 14.57 34.91 -11.51
N TRP B 496 15.43 35.18 -10.56
CA TRP B 496 15.94 36.53 -10.44
C TRP B 496 17.28 36.58 -9.72
N HIS B 497 18.08 37.55 -10.14
CA HIS B 497 19.33 37.84 -9.47
C HIS B 497 19.09 38.81 -8.35
N ARG B 498 19.88 38.61 -7.31
CA ARG B 498 19.74 39.26 -6.04
C ARG B 498 20.97 40.13 -5.83
N GLN B 499 21.75 40.33 -6.91
CA GLN B 499 23.07 40.98 -6.88
C GLN B 499 23.10 42.33 -6.15
#